data_8ONQ
# 
_entry.id   8ONQ 
# 
_audit_conform.dict_name       mmcif_pdbx.dic 
_audit_conform.dict_version    5.398 
_audit_conform.dict_location   http://mmcif.pdb.org/dictionaries/ascii/mmcif_pdbx.dic 
# 
loop_
_database_2.database_id 
_database_2.database_code 
_database_2.pdbx_database_accession 
_database_2.pdbx_DOI 
PDB   8ONQ         pdb_00008onq 10.2210/pdb8onq/pdb 
WWPDB D_1292129644 ?            ?                   
# 
loop_
_pdbx_audit_revision_history.ordinal 
_pdbx_audit_revision_history.data_content_type 
_pdbx_audit_revision_history.major_revision 
_pdbx_audit_revision_history.minor_revision 
_pdbx_audit_revision_history.revision_date 
1 'Structure model' 1 0 2023-08-02 
2 'Structure model' 1 1 2023-08-09 
3 'Structure model' 1 2 2023-09-20 
4 'Structure model' 1 3 2024-11-06 
# 
_pdbx_audit_revision_details.ordinal             1 
_pdbx_audit_revision_details.revision_ordinal    1 
_pdbx_audit_revision_details.data_content_type   'Structure model' 
_pdbx_audit_revision_details.provider            repository 
_pdbx_audit_revision_details.type                'Initial release' 
_pdbx_audit_revision_details.description         ? 
_pdbx_audit_revision_details.details             ? 
# 
loop_
_pdbx_audit_revision_group.ordinal 
_pdbx_audit_revision_group.revision_ordinal 
_pdbx_audit_revision_group.data_content_type 
_pdbx_audit_revision_group.group 
1 2 'Structure model' 'Database references'    
2 3 'Structure model' 'Data collection'        
3 3 'Structure model' 'Refinement description' 
4 4 'Structure model' 'Structure summary'      
# 
loop_
_pdbx_audit_revision_category.ordinal 
_pdbx_audit_revision_category.revision_ordinal 
_pdbx_audit_revision_category.data_content_type 
_pdbx_audit_revision_category.category 
1 2 'Structure model' citation                      
2 2 'Structure model' citation_author               
3 3 'Structure model' chem_comp_atom                
4 3 'Structure model' chem_comp_bond                
5 3 'Structure model' pdbx_initial_refinement_model 
6 4 'Structure model' pdbx_entry_details            
7 4 'Structure model' pdbx_modification_feature     
# 
loop_
_pdbx_audit_revision_item.ordinal 
_pdbx_audit_revision_item.revision_ordinal 
_pdbx_audit_revision_item.data_content_type 
_pdbx_audit_revision_item.item 
1  2 'Structure model' '_citation.country'                            
2  2 'Structure model' '_citation.journal_abbrev'                     
3  2 'Structure model' '_citation.journal_id_CSD'                     
4  2 'Structure model' '_citation.journal_id_ISSN'                    
5  2 'Structure model' '_citation.journal_volume'                     
6  2 'Structure model' '_citation.page_first'                         
7  2 'Structure model' '_citation.page_last'                          
8  2 'Structure model' '_citation.pdbx_database_id_DOI'               
9  2 'Structure model' '_citation.pdbx_database_id_PubMed'            
10 2 'Structure model' '_citation.title'                              
11 2 'Structure model' '_citation.year'                               
12 3 'Structure model' '_pdbx_initial_refinement_model.type'          
13 4 'Structure model' '_pdbx_entry_details.has_protein_modification' 
# 
_pdbx_database_status.status_code                     REL 
_pdbx_database_status.status_code_sf                  REL 
_pdbx_database_status.status_code_mr                  ? 
_pdbx_database_status.entry_id                        8ONQ 
_pdbx_database_status.recvd_initial_deposition_date   2023-04-03 
_pdbx_database_status.SG_entry                        N 
_pdbx_database_status.deposit_site                    PDBE 
_pdbx_database_status.process_site                    PDBE 
_pdbx_database_status.status_code_cs                  ? 
_pdbx_database_status.status_code_nmr_data            ? 
_pdbx_database_status.methods_development_category    ? 
_pdbx_database_status.pdb_format_compatible           Y 
# 
_pdbx_contact_author.id                 2 
_pdbx_contact_author.email              perczel.andras@ttk.elte.hu 
_pdbx_contact_author.name_first         Andras 
_pdbx_contact_author.name_last          Perczel 
_pdbx_contact_author.name_mi            ? 
_pdbx_contact_author.role               'principal investigator/group leader' 
_pdbx_contact_author.identifier_ORCID   0000-0003-1252-6416 
# 
_audit_author.name               'Durvanger, Z.' 
_audit_author.pdbx_ordinal       1 
_audit_author.identifier_ORCID   0000-0002-2652-4916 
# 
_citation.abstract                  ? 
_citation.abstract_id_CAS           ? 
_citation.book_id_ISBN              ? 
_citation.book_publisher            ? 
_citation.book_publisher_city       ? 
_citation.book_title                ? 
_citation.coordinate_linkage        ? 
_citation.country                   UK 
_citation.database_id_Medline       ? 
_citation.details                   ? 
_citation.id                        primary 
_citation.journal_abbrev            'Nat Commun' 
_citation.journal_id_ASTM           ? 
_citation.journal_id_CSD            ? 
_citation.journal_id_ISSN           2041-1723 
_citation.journal_full              ? 
_citation.journal_issue             ? 
_citation.journal_volume            14 
_citation.language                  ? 
_citation.page_first                4621 
_citation.page_last                 4621 
_citation.title                     
'Polymorphic amyloid nanostructures of hormone peptides involved in glucose homeostasis display reversible amyloid formation.' 
_citation.year                      2023 
_citation.database_id_CSD           ? 
_citation.pdbx_database_id_DOI      10.1038/s41467-023-40294-x 
_citation.pdbx_database_id_PubMed   37528104 
_citation.pdbx_database_id_patent   ? 
_citation.unpublished_flag          ? 
# 
loop_
_citation_author.citation_id 
_citation_author.name 
_citation_author.ordinal 
_citation_author.identifier_ORCID 
primary 'Horvath, D.'      1 0000-0001-8239-3933 
primary 'Durvanger, Z.'    2 0000-0002-2652-4916 
primary 'K Menyhard, D.'   3 0000-0002-0095-5531 
primary 'Sulyok-Eiler, M.' 4 ?                   
primary 'Bencs, F.'        5 0009-0003-9246-2228 
primary 'Gyulai, G.'       6 0000-0002-1352-2014 
primary 'Horvath, P.'      7 0000-0001-7149-4173 
primary 'Taricska, N.'     8 ?                   
primary 'Perczel, A.'      9 0000-0003-1252-6416 
# 
loop_
_entity.id 
_entity.type 
_entity.src_method 
_entity.pdbx_description 
_entity.formula_weight 
_entity.pdbx_number_of_molecules 
_entity.pdbx_ec 
_entity.pdbx_mutation 
_entity.pdbx_fragment 
_entity.details 
1 polymer syn 'Peptide Ac-EFIAWL from hGLP-1' 803.944 2 ? ? ? ? 
2 water   nat water                           18.015  2 ? ? ? ? 
# 
_entity_poly.entity_id                      1 
_entity_poly.type                           'polypeptide(L)' 
_entity_poly.nstd_linkage                   no 
_entity_poly.nstd_monomer                   yes 
_entity_poly.pdbx_seq_one_letter_code       '(ACE)EFIAWL' 
_entity_poly.pdbx_seq_one_letter_code_can   XEFIAWL 
_entity_poly.pdbx_strand_id                 A,B 
_entity_poly.pdbx_target_identifier         ? 
# 
_pdbx_entity_nonpoly.entity_id   2 
_pdbx_entity_nonpoly.name        water 
_pdbx_entity_nonpoly.comp_id     HOH 
# 
loop_
_entity_poly_seq.entity_id 
_entity_poly_seq.num 
_entity_poly_seq.mon_id 
_entity_poly_seq.hetero 
1 1 ACE n 
1 2 GLU n 
1 3 PHE n 
1 4 ILE n 
1 5 ALA n 
1 6 TRP n 
1 7 LEU n 
# 
_pdbx_entity_src_syn.entity_id              1 
_pdbx_entity_src_syn.pdbx_src_id            1 
_pdbx_entity_src_syn.pdbx_alt_source_flag   sample 
_pdbx_entity_src_syn.pdbx_beg_seq_num       1 
_pdbx_entity_src_syn.pdbx_end_seq_num       7 
_pdbx_entity_src_syn.organism_scientific    'synthetic construct' 
_pdbx_entity_src_syn.organism_common_name   ? 
_pdbx_entity_src_syn.ncbi_taxonomy_id       32630 
_pdbx_entity_src_syn.details                ? 
# 
loop_
_chem_comp.id 
_chem_comp.type 
_chem_comp.mon_nstd_flag 
_chem_comp.name 
_chem_comp.pdbx_synonyms 
_chem_comp.formula 
_chem_comp.formula_weight 
ACE non-polymer         . 'ACETYL GROUP'  ? 'C2 H4 O'       44.053  
ALA 'L-peptide linking' y ALANINE         ? 'C3 H7 N O2'    89.093  
GLU 'L-peptide linking' y 'GLUTAMIC ACID' ? 'C5 H9 N O4'    147.129 
HOH non-polymer         . WATER           ? 'H2 O'          18.015  
ILE 'L-peptide linking' y ISOLEUCINE      ? 'C6 H13 N O2'   131.173 
LEU 'L-peptide linking' y LEUCINE         ? 'C6 H13 N O2'   131.173 
PHE 'L-peptide linking' y PHENYLALANINE   ? 'C9 H11 N O2'   165.189 
TRP 'L-peptide linking' y TRYPTOPHAN      ? 'C11 H12 N2 O2' 204.225 
# 
loop_
_pdbx_poly_seq_scheme.asym_id 
_pdbx_poly_seq_scheme.entity_id 
_pdbx_poly_seq_scheme.seq_id 
_pdbx_poly_seq_scheme.mon_id 
_pdbx_poly_seq_scheme.ndb_seq_num 
_pdbx_poly_seq_scheme.pdb_seq_num 
_pdbx_poly_seq_scheme.auth_seq_num 
_pdbx_poly_seq_scheme.pdb_mon_id 
_pdbx_poly_seq_scheme.auth_mon_id 
_pdbx_poly_seq_scheme.pdb_strand_id 
_pdbx_poly_seq_scheme.pdb_ins_code 
_pdbx_poly_seq_scheme.hetero 
A 1 1 ACE 1 0 0 ACE ACE A . n 
A 1 2 GLU 2 1 1 GLU GLU A . n 
A 1 3 PHE 3 2 2 PHE PHE A . n 
A 1 4 ILE 4 3 3 ILE ILE A . n 
A 1 5 ALA 5 4 4 ALA ALA A . n 
A 1 6 TRP 6 5 5 TRP TRP A . n 
A 1 7 LEU 7 6 6 LEU LEU A . n 
B 1 1 ACE 1 0 0 ACE ACE B . n 
B 1 2 GLU 2 1 1 GLU GLU B . n 
B 1 3 PHE 3 2 2 PHE PHE B . n 
B 1 4 ILE 4 3 3 ILE ILE B . n 
B 1 5 ALA 5 4 4 ALA ALA B . n 
B 1 6 TRP 6 5 5 TRP TRP B . n 
B 1 7 LEU 7 6 6 LEU LEU B . n 
# 
loop_
_pdbx_nonpoly_scheme.asym_id 
_pdbx_nonpoly_scheme.entity_id 
_pdbx_nonpoly_scheme.mon_id 
_pdbx_nonpoly_scheme.ndb_seq_num 
_pdbx_nonpoly_scheme.pdb_seq_num 
_pdbx_nonpoly_scheme.auth_seq_num 
_pdbx_nonpoly_scheme.pdb_mon_id 
_pdbx_nonpoly_scheme.auth_mon_id 
_pdbx_nonpoly_scheme.pdb_strand_id 
_pdbx_nonpoly_scheme.pdb_ins_code 
C 2 HOH 1 101 1 HOH HOH A . 
D 2 HOH 1 101 2 HOH HOH B . 
# 
loop_
_software.citation_id 
_software.classification 
_software.compiler_name 
_software.compiler_version 
_software.contact_author 
_software.contact_author_email 
_software.date 
_software.description 
_software.dependencies 
_software.hardware 
_software.language 
_software.location 
_software.mods 
_software.name 
_software.os 
_software.os_version 
_software.type 
_software.version 
_software.pdbx_ordinal 
? refinement       ? ? ? ? ? ? ? ? ? ? ? PHENIX      ? ? ? 1.20.1_4487 1 
? 'data reduction' ? ? ? ? ? ? ? ? ? ? ? CrysalisPro ? ? ? .           2 
? 'data scaling'   ? ? ? ? ? ? ? ? ? ? ? CrysalisPro ? ? ? .           3 
? phasing          ? ? ? ? ? ? ? ? ? ? ? PHASER      ? ? ? .           4 
# 
_cell.angle_alpha                  90.000 
_cell.angle_alpha_esd              ? 
_cell.angle_beta                   95.680 
_cell.angle_beta_esd               ? 
_cell.angle_gamma                  90.000 
_cell.angle_gamma_esd              ? 
_cell.entry_id                     8ONQ 
_cell.details                      ? 
_cell.formula_units_Z              ? 
_cell.length_a                     9.536 
_cell.length_a_esd                 ? 
_cell.length_b                     42.631 
_cell.length_b_esd                 ? 
_cell.length_c                     11.197 
_cell.length_c_esd                 ? 
_cell.volume                       4529.559 
_cell.volume_esd                   ? 
_cell.Z_PDB                        4 
_cell.reciprocal_angle_alpha       ? 
_cell.reciprocal_angle_beta        ? 
_cell.reciprocal_angle_gamma       ? 
_cell.reciprocal_angle_alpha_esd   ? 
_cell.reciprocal_angle_beta_esd    ? 
_cell.reciprocal_angle_gamma_esd   ? 
_cell.reciprocal_length_a          ? 
_cell.reciprocal_length_b          ? 
_cell.reciprocal_length_c          ? 
_cell.reciprocal_length_a_esd      ? 
_cell.reciprocal_length_b_esd      ? 
_cell.reciprocal_length_c_esd      ? 
_cell.pdbx_unique_axis             ? 
_cell.pdbx_esd_method              ? 
# 
_symmetry.entry_id                         8ONQ 
_symmetry.cell_setting                     ? 
_symmetry.Int_Tables_number                4 
_symmetry.space_group_name_Hall            'P 2yb' 
_symmetry.space_group_name_H-M             'P 1 21 1' 
_symmetry.pdbx_full_space_group_name_H-M   ? 
# 
_exptl.absorpt_coefficient_mu     ? 
_exptl.absorpt_correction_T_max   ? 
_exptl.absorpt_correction_T_min   ? 
_exptl.absorpt_correction_type    ? 
_exptl.absorpt_process_details    ? 
_exptl.entry_id                   8ONQ 
_exptl.crystals_number            1 
_exptl.details                    ? 
_exptl.method                     'X-RAY DIFFRACTION' 
_exptl.method_details             ? 
# 
_exptl_crystal.colour                       ? 
_exptl_crystal.density_diffrn               ? 
_exptl_crystal.density_Matthews             ? 
_exptl_crystal.density_method               ? 
_exptl_crystal.density_percent_sol          ? 
_exptl_crystal.description                  ? 
_exptl_crystal.F_000                        ? 
_exptl_crystal.id                           1 
_exptl_crystal.preparation                  ? 
_exptl_crystal.size_max                     ? 
_exptl_crystal.size_mid                     ? 
_exptl_crystal.size_min                     ? 
_exptl_crystal.size_rad                     ? 
_exptl_crystal.colour_lustre                ? 
_exptl_crystal.colour_modifier              ? 
_exptl_crystal.colour_primary               ? 
_exptl_crystal.density_meas                 ? 
_exptl_crystal.density_meas_esd             ? 
_exptl_crystal.density_meas_gt              ? 
_exptl_crystal.density_meas_lt              ? 
_exptl_crystal.density_meas_temp            ? 
_exptl_crystal.density_meas_temp_esd        ? 
_exptl_crystal.density_meas_temp_gt         ? 
_exptl_crystal.density_meas_temp_lt         ? 
_exptl_crystal.pdbx_crystal_image_url       ? 
_exptl_crystal.pdbx_crystal_image_format    ? 
_exptl_crystal.pdbx_mosaicity               ? 
_exptl_crystal.pdbx_mosaicity_esd           ? 
_exptl_crystal.pdbx_mosaic_method           ? 
_exptl_crystal.pdbx_mosaic_block_size       ? 
_exptl_crystal.pdbx_mosaic_block_size_esd   ? 
# 
_exptl_crystal_grow.apparatus       ? 
_exptl_crystal_grow.atmosphere      ? 
_exptl_crystal_grow.crystal_id      1 
_exptl_crystal_grow.details         ? 
_exptl_crystal_grow.method          'EVAPORATION, RECRYSTALLIZATION' 
_exptl_crystal_grow.method_ref      ? 
_exptl_crystal_grow.pH              ? 
_exptl_crystal_grow.pressure        ? 
_exptl_crystal_grow.pressure_esd    ? 
_exptl_crystal_grow.seeding         ? 
_exptl_crystal_grow.seeding_ref     ? 
_exptl_crystal_grow.temp_details    ? 
_exptl_crystal_grow.temp_esd        ? 
_exptl_crystal_grow.time            ? 
_exptl_crystal_grow.pdbx_details    
'Ac-EFIAWL was dissolved in 0.016 mg/ml concentration in 0.1M citrate, pH 4.0 and incubated at 310K.' 
_exptl_crystal_grow.pdbx_pH_range   ? 
_exptl_crystal_grow.temp            310 
# 
_diffrn.ambient_environment              ? 
_diffrn.ambient_temp                     100 
_diffrn.ambient_temp_details             ? 
_diffrn.ambient_temp_esd                 ? 
_diffrn.crystal_id                       1 
_diffrn.crystal_support                  ? 
_diffrn.crystal_treatment                ? 
_diffrn.details                          ? 
_diffrn.id                               1 
_diffrn.ambient_pressure                 ? 
_diffrn.ambient_pressure_esd             ? 
_diffrn.ambient_pressure_gt              ? 
_diffrn.ambient_pressure_lt              ? 
_diffrn.ambient_temp_gt                  ? 
_diffrn.ambient_temp_lt                  ? 
_diffrn.pdbx_serial_crystal_experiment   N 
# 
_diffrn_detector.details                      ? 
_diffrn_detector.detector                     PIXEL 
_diffrn_detector.diffrn_id                    1 
_diffrn_detector.type                         'RIGAKU HyPix-6000HE' 
_diffrn_detector.area_resol_mean              ? 
_diffrn_detector.dtime                        ? 
_diffrn_detector.pdbx_frames_total            ? 
_diffrn_detector.pdbx_collection_time_total   ? 
_diffrn_detector.pdbx_collection_date         2023-01-11 
_diffrn_detector.pdbx_frequency               ? 
_diffrn_detector.id                           ? 
_diffrn_detector.number_of_axes               ? 
# 
_diffrn_radiation.collimation                      ? 
_diffrn_radiation.diffrn_id                        1 
_diffrn_radiation.filter_edge                      ? 
_diffrn_radiation.inhomogeneity                    ? 
_diffrn_radiation.monochromator                    ? 
_diffrn_radiation.polarisn_norm                    ? 
_diffrn_radiation.polarisn_ratio                   ? 
_diffrn_radiation.probe                            ? 
_diffrn_radiation.type                             ? 
_diffrn_radiation.xray_symbol                      ? 
_diffrn_radiation.wavelength_id                    1 
_diffrn_radiation.pdbx_monochromatic_or_laue_m_l   M 
_diffrn_radiation.pdbx_wavelength_list             ? 
_diffrn_radiation.pdbx_wavelength                  ? 
_diffrn_radiation.pdbx_diffrn_protocol             'SINGLE WAVELENGTH' 
_diffrn_radiation.pdbx_analyzer                    ? 
_diffrn_radiation.pdbx_scattering_type             x-ray 
# 
_diffrn_radiation_wavelength.id           1 
_diffrn_radiation_wavelength.wavelength   1.54184 
_diffrn_radiation_wavelength.wt           1.0 
# 
_diffrn_source.current                     ? 
_diffrn_source.details                     ? 
_diffrn_source.diffrn_id                   1 
_diffrn_source.power                       ? 
_diffrn_source.size                        ? 
_diffrn_source.source                      'ROTATING ANODE' 
_diffrn_source.target                      ? 
_diffrn_source.type                        'RIGAKU PhotonJet-R' 
_diffrn_source.voltage                     ? 
_diffrn_source.take-off_angle              ? 
_diffrn_source.pdbx_wavelength_list        1.54184 
_diffrn_source.pdbx_wavelength             ? 
_diffrn_source.pdbx_synchrotron_beamline   ? 
_diffrn_source.pdbx_synchrotron_site       ? 
# 
_reflns.B_iso_Wilson_estimate                          7.05 
_reflns.entry_id                                       8ONQ 
_reflns.data_reduction_details                         ? 
_reflns.data_reduction_method                          ? 
_reflns.d_resolution_high                              1.50 
_reflns.d_resolution_low                               10.78 
_reflns.details                                        ? 
_reflns.limit_h_max                                    ? 
_reflns.limit_h_min                                    ? 
_reflns.limit_k_max                                    ? 
_reflns.limit_k_min                                    ? 
_reflns.limit_l_max                                    ? 
_reflns.limit_l_min                                    ? 
_reflns.number_all                                     ? 
_reflns.number_obs                                     1419 
_reflns.observed_criterion                             ? 
_reflns.observed_criterion_F_max                       ? 
_reflns.observed_criterion_F_min                       ? 
_reflns.observed_criterion_I_max                       ? 
_reflns.observed_criterion_I_min                       ? 
_reflns.observed_criterion_sigma_F                     ? 
_reflns.observed_criterion_sigma_I                     ? 
_reflns.percent_possible_obs                           97.46 
_reflns.R_free_details                                 ? 
_reflns.Rmerge_F_all                                   ? 
_reflns.Rmerge_F_obs                                   ? 
_reflns.Friedel_coverage                               ? 
_reflns.number_gt                                      ? 
_reflns.threshold_expression                           ? 
_reflns.pdbx_redundancy                                3.00 
_reflns.pdbx_netI_over_av_sigmaI                       ? 
_reflns.pdbx_netI_over_sigmaI                          6.2 
_reflns.pdbx_res_netI_over_av_sigmaI_2                 ? 
_reflns.pdbx_res_netI_over_sigmaI_2                    ? 
_reflns.pdbx_chi_squared                               ? 
_reflns.pdbx_scaling_rejects                           ? 
_reflns.pdbx_d_res_high_opt                            ? 
_reflns.pdbx_d_res_low_opt                             ? 
_reflns.pdbx_d_res_opt_method                          ? 
_reflns.phase_calculation_details                      ? 
_reflns.pdbx_Rrim_I_all                                0.135 
_reflns.pdbx_Rpim_I_all                                ? 
_reflns.pdbx_d_opt                                     ? 
_reflns.pdbx_number_measured_all                       ? 
_reflns.pdbx_diffrn_id                                 1 
_reflns.pdbx_ordinal                                   1 
_reflns.pdbx_CC_half                                   0.995 
_reflns.pdbx_CC_star                                   ? 
_reflns.pdbx_R_split                                   ? 
_reflns.pdbx_Rmerge_I_obs                              ? 
_reflns.pdbx_Rmerge_I_all                              ? 
_reflns.pdbx_Rsym_value                                ? 
_reflns.pdbx_CC_split_method                           ? 
_reflns.pdbx_aniso_diffraction_limit_axis_1_ortho[1]   ? 
_reflns.pdbx_aniso_diffraction_limit_axis_1_ortho[2]   ? 
_reflns.pdbx_aniso_diffraction_limit_axis_1_ortho[3]   ? 
_reflns.pdbx_aniso_diffraction_limit_axis_2_ortho[1]   ? 
_reflns.pdbx_aniso_diffraction_limit_axis_2_ortho[2]   ? 
_reflns.pdbx_aniso_diffraction_limit_axis_2_ortho[3]   ? 
_reflns.pdbx_aniso_diffraction_limit_axis_3_ortho[1]   ? 
_reflns.pdbx_aniso_diffraction_limit_axis_3_ortho[2]   ? 
_reflns.pdbx_aniso_diffraction_limit_axis_3_ortho[3]   ? 
_reflns.pdbx_aniso_diffraction_limit_1                 ? 
_reflns.pdbx_aniso_diffraction_limit_2                 ? 
_reflns.pdbx_aniso_diffraction_limit_3                 ? 
_reflns.pdbx_aniso_B_tensor_eigenvector_1_ortho[1]     ? 
_reflns.pdbx_aniso_B_tensor_eigenvector_1_ortho[2]     ? 
_reflns.pdbx_aniso_B_tensor_eigenvector_1_ortho[3]     ? 
_reflns.pdbx_aniso_B_tensor_eigenvector_2_ortho[1]     ? 
_reflns.pdbx_aniso_B_tensor_eigenvector_2_ortho[2]     ? 
_reflns.pdbx_aniso_B_tensor_eigenvector_2_ortho[3]     ? 
_reflns.pdbx_aniso_B_tensor_eigenvector_3_ortho[1]     ? 
_reflns.pdbx_aniso_B_tensor_eigenvector_3_ortho[2]     ? 
_reflns.pdbx_aniso_B_tensor_eigenvector_3_ortho[3]     ? 
_reflns.pdbx_aniso_B_tensor_eigenvalue_1               ? 
_reflns.pdbx_aniso_B_tensor_eigenvalue_2               ? 
_reflns.pdbx_aniso_B_tensor_eigenvalue_3               ? 
_reflns.pdbx_orthogonalization_convention              ? 
_reflns.pdbx_percent_possible_ellipsoidal              ? 
_reflns.pdbx_percent_possible_spherical                ? 
_reflns.pdbx_percent_possible_ellipsoidal_anomalous    ? 
_reflns.pdbx_percent_possible_spherical_anomalous      ? 
_reflns.pdbx_redundancy_anomalous                      ? 
_reflns.pdbx_CC_half_anomalous                         ? 
_reflns.pdbx_absDiff_over_sigma_anomalous              ? 
_reflns.pdbx_percent_possible_anomalous                ? 
_reflns.pdbx_observed_signal_threshold                 ? 
_reflns.pdbx_signal_type                               ? 
_reflns.pdbx_signal_details                            ? 
_reflns.pdbx_signal_software_id                        ? 
# 
_reflns_shell.d_res_high                                    1.50 
_reflns_shell.d_res_low                                     1.55 
_reflns_shell.meanI_over_sigI_all                           ? 
_reflns_shell.meanI_over_sigI_obs                           1.2 
_reflns_shell.number_measured_all                           ? 
_reflns_shell.number_measured_obs                           ? 
_reflns_shell.number_possible                               ? 
_reflns_shell.number_unique_all                             ? 
_reflns_shell.number_unique_obs                             153 
_reflns_shell.percent_possible_obs                          ? 
_reflns_shell.Rmerge_F_all                                  ? 
_reflns_shell.Rmerge_F_obs                                  ? 
_reflns_shell.meanI_over_sigI_gt                            ? 
_reflns_shell.meanI_over_uI_all                             ? 
_reflns_shell.meanI_over_uI_gt                              ? 
_reflns_shell.number_measured_gt                            ? 
_reflns_shell.number_unique_gt                              ? 
_reflns_shell.percent_possible_gt                           ? 
_reflns_shell.Rmerge_F_gt                                   ? 
_reflns_shell.Rmerge_I_gt                                   ? 
_reflns_shell.pdbx_redundancy                               ? 
_reflns_shell.pdbx_chi_squared                              ? 
_reflns_shell.pdbx_netI_over_sigmaI_all                     ? 
_reflns_shell.pdbx_netI_over_sigmaI_obs                     ? 
_reflns_shell.pdbx_Rrim_I_all                               0.632 
_reflns_shell.pdbx_Rpim_I_all                               ? 
_reflns_shell.pdbx_rejects                                  ? 
_reflns_shell.pdbx_ordinal                                  1 
_reflns_shell.pdbx_diffrn_id                                1 
_reflns_shell.pdbx_CC_half                                  0.699 
_reflns_shell.pdbx_CC_star                                  ? 
_reflns_shell.pdbx_R_split                                  ? 
_reflns_shell.percent_possible_all                          93.29 
_reflns_shell.Rmerge_I_all                                  ? 
_reflns_shell.Rmerge_I_obs                                  ? 
_reflns_shell.pdbx_Rsym_value                               ? 
_reflns_shell.pdbx_percent_possible_ellipsoidal             ? 
_reflns_shell.pdbx_percent_possible_spherical               ? 
_reflns_shell.pdbx_percent_possible_ellipsoidal_anomalous   ? 
_reflns_shell.pdbx_percent_possible_spherical_anomalous     ? 
_reflns_shell.pdbx_redundancy_anomalous                     ? 
_reflns_shell.pdbx_CC_half_anomalous                        ? 
_reflns_shell.pdbx_absDiff_over_sigma_anomalous             ? 
_reflns_shell.pdbx_percent_possible_anomalous               ? 
# 
_refine.aniso_B[1][1]                            ? 
_refine.aniso_B[1][2]                            ? 
_refine.aniso_B[1][3]                            ? 
_refine.aniso_B[2][2]                            ? 
_refine.aniso_B[2][3]                            ? 
_refine.aniso_B[3][3]                            ? 
_refine.B_iso_max                                ? 
_refine.B_iso_mean                               7.89 
_refine.B_iso_min                                ? 
_refine.correlation_coeff_Fo_to_Fc               ? 
_refine.correlation_coeff_Fo_to_Fc_free          ? 
_refine.details                                  ? 
_refine.diff_density_max                         ? 
_refine.diff_density_max_esd                     ? 
_refine.diff_density_min                         ? 
_refine.diff_density_min_esd                     ? 
_refine.diff_density_rms                         ? 
_refine.diff_density_rms_esd                     ? 
_refine.entry_id                                 8ONQ 
_refine.pdbx_refine_id                           'X-RAY DIFFRACTION' 
_refine.ls_abs_structure_details                 ? 
_refine.ls_abs_structure_Flack                   ? 
_refine.ls_abs_structure_Flack_esd               ? 
_refine.ls_abs_structure_Rogers                  ? 
_refine.ls_abs_structure_Rogers_esd              ? 
_refine.ls_d_res_high                            1.50 
_refine.ls_d_res_low                             10.78 
_refine.ls_extinction_coef                       ? 
_refine.ls_extinction_coef_esd                   ? 
_refine.ls_extinction_expression                 ? 
_refine.ls_extinction_method                     ? 
_refine.ls_goodness_of_fit_all                   ? 
_refine.ls_goodness_of_fit_all_esd               ? 
_refine.ls_goodness_of_fit_obs                   ? 
_refine.ls_goodness_of_fit_obs_esd               ? 
_refine.ls_hydrogen_treatment                    ? 
_refine.ls_matrix_type                           ? 
_refine.ls_number_constraints                    ? 
_refine.ls_number_parameters                     ? 
_refine.ls_number_reflns_all                     ? 
_refine.ls_number_reflns_obs                     1410 
_refine.ls_number_reflns_R_free                  140 
_refine.ls_number_reflns_R_work                  1270 
_refine.ls_number_restraints                     ? 
_refine.ls_percent_reflns_obs                    96.84 
_refine.ls_percent_reflns_R_free                 9.93 
_refine.ls_R_factor_all                          ? 
_refine.ls_R_factor_obs                          0.1536 
_refine.ls_R_factor_R_free                       0.1737 
_refine.ls_R_factor_R_free_error                 ? 
_refine.ls_R_factor_R_free_error_details         ? 
_refine.ls_R_factor_R_work                       0.1511 
_refine.ls_R_Fsqd_factor_obs                     ? 
_refine.ls_R_I_factor_obs                        ? 
_refine.ls_redundancy_reflns_all                 ? 
_refine.ls_redundancy_reflns_obs                 ? 
_refine.ls_restrained_S_all                      ? 
_refine.ls_restrained_S_obs                      ? 
_refine.ls_shift_over_esd_max                    ? 
_refine.ls_shift_over_esd_mean                   ? 
_refine.ls_structure_factor_coef                 ? 
_refine.ls_weighting_details                     ? 
_refine.ls_weighting_scheme                      ? 
_refine.ls_wR_factor_all                         ? 
_refine.ls_wR_factor_obs                         ? 
_refine.ls_wR_factor_R_free                      ? 
_refine.ls_wR_factor_R_work                      ? 
_refine.occupancy_max                            ? 
_refine.occupancy_min                            ? 
_refine.solvent_model_details                    'FLAT BULK SOLVENT MODEL' 
_refine.solvent_model_param_bsol                 ? 
_refine.solvent_model_param_ksol                 ? 
_refine.pdbx_R_complete                          ? 
_refine.ls_R_factor_gt                           ? 
_refine.ls_goodness_of_fit_gt                    ? 
_refine.ls_goodness_of_fit_ref                   ? 
_refine.ls_shift_over_su_max                     ? 
_refine.ls_shift_over_su_max_lt                  ? 
_refine.ls_shift_over_su_mean                    ? 
_refine.ls_shift_over_su_mean_lt                 ? 
_refine.pdbx_ls_sigma_I                          ? 
_refine.pdbx_ls_sigma_F                          1.40 
_refine.pdbx_ls_sigma_Fsqd                       ? 
_refine.pdbx_data_cutoff_high_absF               ? 
_refine.pdbx_data_cutoff_high_rms_absF           ? 
_refine.pdbx_data_cutoff_low_absF                ? 
_refine.pdbx_isotropic_thermal_model             ? 
_refine.pdbx_ls_cross_valid_method               'FREE R-VALUE' 
_refine.pdbx_method_to_determine_struct          'MOLECULAR REPLACEMENT' 
_refine.pdbx_starting_model                      ? 
_refine.pdbx_stereochemistry_target_values       'GeoStd + Monomer Library + CDL v1.2' 
_refine.pdbx_R_Free_selection_details            ? 
_refine.pdbx_stereochem_target_val_spec_case     ? 
_refine.pdbx_overall_ESU_R                       ? 
_refine.pdbx_overall_ESU_R_Free                  ? 
_refine.pdbx_solvent_vdw_probe_radii             1.1000 
_refine.pdbx_solvent_ion_probe_radii             ? 
_refine.pdbx_solvent_shrinkage_radii             0.9000 
_refine.pdbx_real_space_R                        ? 
_refine.pdbx_density_correlation                 ? 
_refine.pdbx_pd_number_of_powder_patterns        ? 
_refine.pdbx_pd_number_of_points                 ? 
_refine.pdbx_pd_meas_number_of_points            ? 
_refine.pdbx_pd_proc_ls_prof_R_factor            ? 
_refine.pdbx_pd_proc_ls_prof_wR_factor           ? 
_refine.pdbx_pd_Marquardt_correlation_coeff      ? 
_refine.pdbx_pd_Fsqrd_R_factor                   ? 
_refine.pdbx_pd_ls_matrix_band_width             ? 
_refine.pdbx_overall_phase_error                 20.1838 
_refine.pdbx_overall_SU_R_free_Cruickshank_DPI   ? 
_refine.pdbx_overall_SU_R_free_Blow_DPI          ? 
_refine.pdbx_overall_SU_R_Blow_DPI               ? 
_refine.pdbx_TLS_residual_ADP_flag               ? 
_refine.pdbx_diffrn_id                           1 
_refine.overall_SU_B                             ? 
_refine.overall_SU_ML                            0.1009 
_refine.overall_SU_R_Cruickshank_DPI             ? 
_refine.overall_SU_R_free                        ? 
_refine.overall_FOM_free_R_set                   ? 
_refine.overall_FOM_work_R_set                   ? 
_refine.pdbx_average_fsc_overall                 ? 
_refine.pdbx_average_fsc_work                    ? 
_refine.pdbx_average_fsc_free                    ? 
# 
_refine_hist.pdbx_refine_id                   'X-RAY DIFFRACTION' 
_refine_hist.cycle_id                         LAST 
_refine_hist.details                          ? 
_refine_hist.d_res_high                       1.50 
_refine_hist.d_res_low                        10.78 
_refine_hist.number_atoms_solvent             2 
_refine_hist.number_atoms_total               120 
_refine_hist.number_reflns_all                ? 
_refine_hist.number_reflns_obs                ? 
_refine_hist.number_reflns_R_free             ? 
_refine_hist.number_reflns_R_work             ? 
_refine_hist.R_factor_all                     ? 
_refine_hist.R_factor_obs                     ? 
_refine_hist.R_factor_R_free                  ? 
_refine_hist.R_factor_R_work                  ? 
_refine_hist.pdbx_number_residues_total       ? 
_refine_hist.pdbx_B_iso_mean_ligand           ? 
_refine_hist.pdbx_B_iso_mean_solvent          ? 
_refine_hist.pdbx_number_atoms_protein        112 
_refine_hist.pdbx_number_atoms_nucleic_acid   0 
_refine_hist.pdbx_number_atoms_ligand         6 
_refine_hist.pdbx_number_atoms_lipid          ? 
_refine_hist.pdbx_number_atoms_carb           ? 
_refine_hist.pdbx_pseudo_atom_details         ? 
# 
loop_
_refine_ls_restr.pdbx_refine_id 
_refine_ls_restr.criterion 
_refine_ls_restr.dev_ideal 
_refine_ls_restr.dev_ideal_target 
_refine_ls_restr.number 
_refine_ls_restr.rejects 
_refine_ls_restr.type 
_refine_ls_restr.weight 
_refine_ls_restr.pdbx_restraint_function 
'X-RAY DIFFRACTION' ? 0.0088  ? 122 ? f_bond_d           ? ? 
'X-RAY DIFFRACTION' ? 0.9406  ? 166 ? f_angle_d          ? ? 
'X-RAY DIFFRACTION' ? 0.0869  ? 16  ? f_chiral_restr     ? ? 
'X-RAY DIFFRACTION' ? 0.0052  ? 20  ? f_plane_restr      ? ? 
'X-RAY DIFFRACTION' ? 18.4295 ? 16  ? f_dihedral_angle_d ? ? 
# 
_refine_ls_shell.pdbx_refine_id                   'X-RAY DIFFRACTION' 
_refine_ls_shell.d_res_high                       1.50 
_refine_ls_shell.d_res_low                        10.78 
_refine_ls_shell.number_reflns_all                ? 
_refine_ls_shell.number_reflns_obs                ? 
_refine_ls_shell.number_reflns_R_free             140 
_refine_ls_shell.number_reflns_R_work             1270 
_refine_ls_shell.percent_reflns_obs               96.84 
_refine_ls_shell.percent_reflns_R_free            ? 
_refine_ls_shell.R_factor_all                     ? 
_refine_ls_shell.R_factor_obs                     ? 
_refine_ls_shell.R_factor_R_free_error            ? 
_refine_ls_shell.R_factor_R_work                  0.1511 
_refine_ls_shell.redundancy_reflns_all            ? 
_refine_ls_shell.redundancy_reflns_obs            ? 
_refine_ls_shell.wR_factor_all                    ? 
_refine_ls_shell.wR_factor_obs                    ? 
_refine_ls_shell.wR_factor_R_free                 ? 
_refine_ls_shell.wR_factor_R_work                 ? 
_refine_ls_shell.pdbx_R_complete                  ? 
_refine_ls_shell.pdbx_total_number_of_bins_used   ? 
_refine_ls_shell.pdbx_phase_error                 ? 
_refine_ls_shell.pdbx_fsc_work                    ? 
_refine_ls_shell.pdbx_fsc_free                    ? 
_refine_ls_shell.R_factor_R_free                  0.1737 
# 
_struct.entry_id                     8ONQ 
_struct.title                        'Structure of the amyloid-forming peptide Ac-EFIAWL from human GLP-1' 
_struct.pdbx_model_details           ? 
_struct.pdbx_formula_weight          ? 
_struct.pdbx_formula_weight_method   ? 
_struct.pdbx_model_type_details      ? 
_struct.pdbx_CASP_flag               N 
# 
_struct_keywords.entry_id        8ONQ 
_struct_keywords.text            'amyloid, PROTEIN FIBRIL' 
_struct_keywords.pdbx_keywords   'PROTEIN FIBRIL' 
# 
loop_
_struct_asym.id 
_struct_asym.pdbx_blank_PDB_chainid_flag 
_struct_asym.pdbx_modified 
_struct_asym.entity_id 
_struct_asym.details 
A N N 1 ? 
B N N 1 ? 
C N N 2 ? 
D N N 2 ? 
# 
_struct_ref.id                         1 
_struct_ref.db_name                    PDB 
_struct_ref.db_code                    8ONQ 
_struct_ref.pdbx_db_accession          8ONQ 
_struct_ref.pdbx_db_isoform            ? 
_struct_ref.entity_id                  1 
_struct_ref.pdbx_seq_one_letter_code   ? 
_struct_ref.pdbx_align_begin           1 
# 
loop_
_struct_ref_seq.align_id 
_struct_ref_seq.ref_id 
_struct_ref_seq.pdbx_PDB_id_code 
_struct_ref_seq.pdbx_strand_id 
_struct_ref_seq.seq_align_beg 
_struct_ref_seq.pdbx_seq_align_beg_ins_code 
_struct_ref_seq.seq_align_end 
_struct_ref_seq.pdbx_seq_align_end_ins_code 
_struct_ref_seq.pdbx_db_accession 
_struct_ref_seq.db_align_beg 
_struct_ref_seq.pdbx_db_align_beg_ins_code 
_struct_ref_seq.db_align_end 
_struct_ref_seq.pdbx_db_align_end_ins_code 
_struct_ref_seq.pdbx_auth_seq_align_beg 
_struct_ref_seq.pdbx_auth_seq_align_end 
1 1 8ONQ A 1 ? 7 ? 8ONQ 0 ? 6 ? 0 6 
2 1 8ONQ B 1 ? 7 ? 8ONQ 0 ? 6 ? 0 6 
# 
_pdbx_struct_assembly.id                   1 
_pdbx_struct_assembly.details              author_defined_assembly 
_pdbx_struct_assembly.method_details       ? 
_pdbx_struct_assembly.oligomeric_details   dimeric 
_pdbx_struct_assembly.oligomeric_count     2 
# 
loop_
_pdbx_struct_assembly_prop.biol_id 
_pdbx_struct_assembly_prop.type 
_pdbx_struct_assembly_prop.value 
_pdbx_struct_assembly_prop.details 
1 'ABSA (A^2)' 650  ? 
1 MORE         -4   ? 
1 'SSA (A^2)'  1730 ? 
# 
_pdbx_struct_assembly_gen.assembly_id       1 
_pdbx_struct_assembly_gen.oper_expression   1 
_pdbx_struct_assembly_gen.asym_id_list      A,B,C,D 
# 
_pdbx_struct_assembly_auth_evidence.id                     1 
_pdbx_struct_assembly_auth_evidence.assembly_id            1 
_pdbx_struct_assembly_auth_evidence.experimental_support   'assay for oligomerization' 
_pdbx_struct_assembly_auth_evidence.details                ? 
# 
_pdbx_struct_oper_list.id                   1 
_pdbx_struct_oper_list.type                 'identity operation' 
_pdbx_struct_oper_list.name                 1_555 
_pdbx_struct_oper_list.symmetry_operation   x,y,z 
_pdbx_struct_oper_list.matrix[1][1]         1.0000000000 
_pdbx_struct_oper_list.matrix[1][2]         0.0000000000 
_pdbx_struct_oper_list.matrix[1][3]         0.0000000000 
_pdbx_struct_oper_list.vector[1]            0.0000000000 
_pdbx_struct_oper_list.matrix[2][1]         0.0000000000 
_pdbx_struct_oper_list.matrix[2][2]         1.0000000000 
_pdbx_struct_oper_list.matrix[2][3]         0.0000000000 
_pdbx_struct_oper_list.vector[2]            0.0000000000 
_pdbx_struct_oper_list.matrix[3][1]         0.0000000000 
_pdbx_struct_oper_list.matrix[3][2]         0.0000000000 
_pdbx_struct_oper_list.matrix[3][3]         1.0000000000 
_pdbx_struct_oper_list.vector[3]            0.0000000000 
# 
loop_
_struct_conn.id 
_struct_conn.conn_type_id 
_struct_conn.pdbx_leaving_atom_flag 
_struct_conn.pdbx_PDB_id 
_struct_conn.ptnr1_label_asym_id 
_struct_conn.ptnr1_label_comp_id 
_struct_conn.ptnr1_label_seq_id 
_struct_conn.ptnr1_label_atom_id 
_struct_conn.pdbx_ptnr1_label_alt_id 
_struct_conn.pdbx_ptnr1_PDB_ins_code 
_struct_conn.pdbx_ptnr1_standard_comp_id 
_struct_conn.ptnr1_symmetry 
_struct_conn.ptnr2_label_asym_id 
_struct_conn.ptnr2_label_comp_id 
_struct_conn.ptnr2_label_seq_id 
_struct_conn.ptnr2_label_atom_id 
_struct_conn.pdbx_ptnr2_label_alt_id 
_struct_conn.pdbx_ptnr2_PDB_ins_code 
_struct_conn.ptnr1_auth_asym_id 
_struct_conn.ptnr1_auth_comp_id 
_struct_conn.ptnr1_auth_seq_id 
_struct_conn.ptnr2_auth_asym_id 
_struct_conn.ptnr2_auth_comp_id 
_struct_conn.ptnr2_auth_seq_id 
_struct_conn.ptnr2_symmetry 
_struct_conn.pdbx_ptnr3_label_atom_id 
_struct_conn.pdbx_ptnr3_label_seq_id 
_struct_conn.pdbx_ptnr3_label_comp_id 
_struct_conn.pdbx_ptnr3_label_asym_id 
_struct_conn.pdbx_ptnr3_label_alt_id 
_struct_conn.pdbx_ptnr3_PDB_ins_code 
_struct_conn.details 
_struct_conn.pdbx_dist_value 
_struct_conn.pdbx_value_order 
_struct_conn.pdbx_role 
covale1 covale both ? A ACE 1 C ? ? ? 1_555 A GLU 2 N ? ? A ACE 0 A GLU 1 1_555 ? ? ? ? ? ? ? 1.306 ? ? 
covale2 covale both ? B ACE 1 C ? ? ? 1_555 B GLU 2 N ? ? B ACE 0 B GLU 1 1_555 ? ? ? ? ? ? ? 1.320 ? ? 
# 
_struct_conn_type.id          covale 
_struct_conn_type.criteria    ? 
_struct_conn_type.reference   ? 
# 
loop_
_pdbx_modification_feature.ordinal 
_pdbx_modification_feature.label_comp_id 
_pdbx_modification_feature.label_asym_id 
_pdbx_modification_feature.label_seq_id 
_pdbx_modification_feature.label_alt_id 
_pdbx_modification_feature.modified_residue_label_comp_id 
_pdbx_modification_feature.modified_residue_label_asym_id 
_pdbx_modification_feature.modified_residue_label_seq_id 
_pdbx_modification_feature.modified_residue_label_alt_id 
_pdbx_modification_feature.auth_comp_id 
_pdbx_modification_feature.auth_asym_id 
_pdbx_modification_feature.auth_seq_id 
_pdbx_modification_feature.PDB_ins_code 
_pdbx_modification_feature.symmetry 
_pdbx_modification_feature.modified_residue_auth_comp_id 
_pdbx_modification_feature.modified_residue_auth_asym_id 
_pdbx_modification_feature.modified_residue_auth_seq_id 
_pdbx_modification_feature.modified_residue_PDB_ins_code 
_pdbx_modification_feature.modified_residue_symmetry 
_pdbx_modification_feature.comp_id_linking_atom 
_pdbx_modification_feature.modified_residue_id_linking_atom 
_pdbx_modification_feature.modified_residue_id 
_pdbx_modification_feature.ref_pcm_id 
_pdbx_modification_feature.ref_comp_id 
_pdbx_modification_feature.type 
_pdbx_modification_feature.category 
1 ACE A 1 ? GLU A 2 ? ACE A 0 ? 1_555 GLU A 1 ? 1_555 . . GLU 10 ACE None 'Terminal acetylation' 
2 ACE B 1 ? GLU B 2 ? ACE B 0 ? 1_555 GLU B 1 ? 1_555 . . GLU 10 ACE None 'Terminal acetylation' 
# 
_struct_sheet.id               AA1 
_struct_sheet.type             ? 
_struct_sheet.number_strands   2 
_struct_sheet.details          ? 
# 
_struct_sheet_order.sheet_id     AA1 
_struct_sheet_order.range_id_1   1 
_struct_sheet_order.range_id_2   2 
_struct_sheet_order.offset       ? 
_struct_sheet_order.sense        anti-parallel 
# 
loop_
_struct_sheet_range.sheet_id 
_struct_sheet_range.id 
_struct_sheet_range.beg_label_comp_id 
_struct_sheet_range.beg_label_asym_id 
_struct_sheet_range.beg_label_seq_id 
_struct_sheet_range.pdbx_beg_PDB_ins_code 
_struct_sheet_range.end_label_comp_id 
_struct_sheet_range.end_label_asym_id 
_struct_sheet_range.end_label_seq_id 
_struct_sheet_range.pdbx_end_PDB_ins_code 
_struct_sheet_range.beg_auth_comp_id 
_struct_sheet_range.beg_auth_asym_id 
_struct_sheet_range.beg_auth_seq_id 
_struct_sheet_range.end_auth_comp_id 
_struct_sheet_range.end_auth_asym_id 
_struct_sheet_range.end_auth_seq_id 
AA1 1 PHE A 3 ? TRP A 6 ? PHE A 2 TRP A 5 
AA1 2 PHE B 3 ? TRP B 6 ? PHE B 2 TRP B 5 
# 
_pdbx_struct_sheet_hbond.sheet_id                AA1 
_pdbx_struct_sheet_hbond.range_id_1              1 
_pdbx_struct_sheet_hbond.range_id_2              2 
_pdbx_struct_sheet_hbond.range_1_label_atom_id   N 
_pdbx_struct_sheet_hbond.range_1_label_comp_id   ALA 
_pdbx_struct_sheet_hbond.range_1_label_asym_id   A 
_pdbx_struct_sheet_hbond.range_1_label_seq_id    5 
_pdbx_struct_sheet_hbond.range_1_PDB_ins_code    ? 
_pdbx_struct_sheet_hbond.range_1_auth_atom_id    N 
_pdbx_struct_sheet_hbond.range_1_auth_comp_id    ALA 
_pdbx_struct_sheet_hbond.range_1_auth_asym_id    A 
_pdbx_struct_sheet_hbond.range_1_auth_seq_id     4 
_pdbx_struct_sheet_hbond.range_2_label_atom_id   O 
_pdbx_struct_sheet_hbond.range_2_label_comp_id   ILE 
_pdbx_struct_sheet_hbond.range_2_label_asym_id   B 
_pdbx_struct_sheet_hbond.range_2_label_seq_id    4 
_pdbx_struct_sheet_hbond.range_2_PDB_ins_code    ? 
_pdbx_struct_sheet_hbond.range_2_auth_atom_id    O 
_pdbx_struct_sheet_hbond.range_2_auth_comp_id    ILE 
_pdbx_struct_sheet_hbond.range_2_auth_asym_id    B 
_pdbx_struct_sheet_hbond.range_2_auth_seq_id     3 
# 
_pdbx_entry_details.entry_id                   8ONQ 
_pdbx_entry_details.has_ligand_of_interest     N 
_pdbx_entry_details.compound_details           ? 
_pdbx_entry_details.source_details             ? 
_pdbx_entry_details.nonpolymer_details         ? 
_pdbx_entry_details.sequence_details           ? 
_pdbx_entry_details.has_protein_modification   Y 
# 
loop_
_space_group_symop.id 
_space_group_symop.operation_xyz 
1 x,y,z       
2 -x,y+1/2,-z 
# 
loop_
_chem_comp_atom.comp_id 
_chem_comp_atom.atom_id 
_chem_comp_atom.type_symbol 
_chem_comp_atom.pdbx_aromatic_flag 
_chem_comp_atom.pdbx_stereo_config 
_chem_comp_atom.pdbx_ordinal 
ACE C    C N N 1   
ACE O    O N N 2   
ACE CH3  C N N 3   
ACE H    H N N 4   
ACE H1   H N N 5   
ACE H2   H N N 6   
ACE H3   H N N 7   
ALA N    N N N 8   
ALA CA   C N S 9   
ALA C    C N N 10  
ALA O    O N N 11  
ALA CB   C N N 12  
ALA OXT  O N N 13  
ALA H    H N N 14  
ALA H2   H N N 15  
ALA HA   H N N 16  
ALA HB1  H N N 17  
ALA HB2  H N N 18  
ALA HB3  H N N 19  
ALA HXT  H N N 20  
GLU N    N N N 21  
GLU CA   C N S 22  
GLU C    C N N 23  
GLU O    O N N 24  
GLU CB   C N N 25  
GLU CG   C N N 26  
GLU CD   C N N 27  
GLU OE1  O N N 28  
GLU OE2  O N N 29  
GLU OXT  O N N 30  
GLU H    H N N 31  
GLU H2   H N N 32  
GLU HA   H N N 33  
GLU HB2  H N N 34  
GLU HB3  H N N 35  
GLU HG2  H N N 36  
GLU HG3  H N N 37  
GLU HE2  H N N 38  
GLU HXT  H N N 39  
HOH O    O N N 40  
HOH H1   H N N 41  
HOH H2   H N N 42  
ILE N    N N N 43  
ILE CA   C N S 44  
ILE C    C N N 45  
ILE O    O N N 46  
ILE CB   C N S 47  
ILE CG1  C N N 48  
ILE CG2  C N N 49  
ILE CD1  C N N 50  
ILE OXT  O N N 51  
ILE H    H N N 52  
ILE H2   H N N 53  
ILE HA   H N N 54  
ILE HB   H N N 55  
ILE HG12 H N N 56  
ILE HG13 H N N 57  
ILE HG21 H N N 58  
ILE HG22 H N N 59  
ILE HG23 H N N 60  
ILE HD11 H N N 61  
ILE HD12 H N N 62  
ILE HD13 H N N 63  
ILE HXT  H N N 64  
LEU N    N N N 65  
LEU CA   C N S 66  
LEU C    C N N 67  
LEU O    O N N 68  
LEU CB   C N N 69  
LEU CG   C N N 70  
LEU CD1  C N N 71  
LEU CD2  C N N 72  
LEU OXT  O N N 73  
LEU H    H N N 74  
LEU H2   H N N 75  
LEU HA   H N N 76  
LEU HB2  H N N 77  
LEU HB3  H N N 78  
LEU HG   H N N 79  
LEU HD11 H N N 80  
LEU HD12 H N N 81  
LEU HD13 H N N 82  
LEU HD21 H N N 83  
LEU HD22 H N N 84  
LEU HD23 H N N 85  
LEU HXT  H N N 86  
PHE N    N N N 87  
PHE CA   C N S 88  
PHE C    C N N 89  
PHE O    O N N 90  
PHE CB   C N N 91  
PHE CG   C Y N 92  
PHE CD1  C Y N 93  
PHE CD2  C Y N 94  
PHE CE1  C Y N 95  
PHE CE2  C Y N 96  
PHE CZ   C Y N 97  
PHE OXT  O N N 98  
PHE H    H N N 99  
PHE H2   H N N 100 
PHE HA   H N N 101 
PHE HB2  H N N 102 
PHE HB3  H N N 103 
PHE HD1  H N N 104 
PHE HD2  H N N 105 
PHE HE1  H N N 106 
PHE HE2  H N N 107 
PHE HZ   H N N 108 
PHE HXT  H N N 109 
TRP N    N N N 110 
TRP CA   C N S 111 
TRP C    C N N 112 
TRP O    O N N 113 
TRP CB   C N N 114 
TRP CG   C Y N 115 
TRP CD1  C Y N 116 
TRP CD2  C Y N 117 
TRP NE1  N Y N 118 
TRP CE2  C Y N 119 
TRP CE3  C Y N 120 
TRP CZ2  C Y N 121 
TRP CZ3  C Y N 122 
TRP CH2  C Y N 123 
TRP OXT  O N N 124 
TRP H    H N N 125 
TRP H2   H N N 126 
TRP HA   H N N 127 
TRP HB2  H N N 128 
TRP HB3  H N N 129 
TRP HD1  H N N 130 
TRP HE1  H N N 131 
TRP HE3  H N N 132 
TRP HZ2  H N N 133 
TRP HZ3  H N N 134 
TRP HH2  H N N 135 
TRP HXT  H N N 136 
# 
loop_
_chem_comp_bond.comp_id 
_chem_comp_bond.atom_id_1 
_chem_comp_bond.atom_id_2 
_chem_comp_bond.value_order 
_chem_comp_bond.pdbx_aromatic_flag 
_chem_comp_bond.pdbx_stereo_config 
_chem_comp_bond.pdbx_ordinal 
ACE C   O    doub N N 1   
ACE C   CH3  sing N N 2   
ACE C   H    sing N N 3   
ACE CH3 H1   sing N N 4   
ACE CH3 H2   sing N N 5   
ACE CH3 H3   sing N N 6   
ALA N   CA   sing N N 7   
ALA N   H    sing N N 8   
ALA N   H2   sing N N 9   
ALA CA  C    sing N N 10  
ALA CA  CB   sing N N 11  
ALA CA  HA   sing N N 12  
ALA C   O    doub N N 13  
ALA C   OXT  sing N N 14  
ALA CB  HB1  sing N N 15  
ALA CB  HB2  sing N N 16  
ALA CB  HB3  sing N N 17  
ALA OXT HXT  sing N N 18  
GLU N   CA   sing N N 19  
GLU N   H    sing N N 20  
GLU N   H2   sing N N 21  
GLU CA  C    sing N N 22  
GLU CA  CB   sing N N 23  
GLU CA  HA   sing N N 24  
GLU C   O    doub N N 25  
GLU C   OXT  sing N N 26  
GLU CB  CG   sing N N 27  
GLU CB  HB2  sing N N 28  
GLU CB  HB3  sing N N 29  
GLU CG  CD   sing N N 30  
GLU CG  HG2  sing N N 31  
GLU CG  HG3  sing N N 32  
GLU CD  OE1  doub N N 33  
GLU CD  OE2  sing N N 34  
GLU OE2 HE2  sing N N 35  
GLU OXT HXT  sing N N 36  
HOH O   H1   sing N N 37  
HOH O   H2   sing N N 38  
ILE N   CA   sing N N 39  
ILE N   H    sing N N 40  
ILE N   H2   sing N N 41  
ILE CA  C    sing N N 42  
ILE CA  CB   sing N N 43  
ILE CA  HA   sing N N 44  
ILE C   O    doub N N 45  
ILE C   OXT  sing N N 46  
ILE CB  CG1  sing N N 47  
ILE CB  CG2  sing N N 48  
ILE CB  HB   sing N N 49  
ILE CG1 CD1  sing N N 50  
ILE CG1 HG12 sing N N 51  
ILE CG1 HG13 sing N N 52  
ILE CG2 HG21 sing N N 53  
ILE CG2 HG22 sing N N 54  
ILE CG2 HG23 sing N N 55  
ILE CD1 HD11 sing N N 56  
ILE CD1 HD12 sing N N 57  
ILE CD1 HD13 sing N N 58  
ILE OXT HXT  sing N N 59  
LEU N   CA   sing N N 60  
LEU N   H    sing N N 61  
LEU N   H2   sing N N 62  
LEU CA  C    sing N N 63  
LEU CA  CB   sing N N 64  
LEU CA  HA   sing N N 65  
LEU C   O    doub N N 66  
LEU C   OXT  sing N N 67  
LEU CB  CG   sing N N 68  
LEU CB  HB2  sing N N 69  
LEU CB  HB3  sing N N 70  
LEU CG  CD1  sing N N 71  
LEU CG  CD2  sing N N 72  
LEU CG  HG   sing N N 73  
LEU CD1 HD11 sing N N 74  
LEU CD1 HD12 sing N N 75  
LEU CD1 HD13 sing N N 76  
LEU CD2 HD21 sing N N 77  
LEU CD2 HD22 sing N N 78  
LEU CD2 HD23 sing N N 79  
LEU OXT HXT  sing N N 80  
PHE N   CA   sing N N 81  
PHE N   H    sing N N 82  
PHE N   H2   sing N N 83  
PHE CA  C    sing N N 84  
PHE CA  CB   sing N N 85  
PHE CA  HA   sing N N 86  
PHE C   O    doub N N 87  
PHE C   OXT  sing N N 88  
PHE CB  CG   sing N N 89  
PHE CB  HB2  sing N N 90  
PHE CB  HB3  sing N N 91  
PHE CG  CD1  doub Y N 92  
PHE CG  CD2  sing Y N 93  
PHE CD1 CE1  sing Y N 94  
PHE CD1 HD1  sing N N 95  
PHE CD2 CE2  doub Y N 96  
PHE CD2 HD2  sing N N 97  
PHE CE1 CZ   doub Y N 98  
PHE CE1 HE1  sing N N 99  
PHE CE2 CZ   sing Y N 100 
PHE CE2 HE2  sing N N 101 
PHE CZ  HZ   sing N N 102 
PHE OXT HXT  sing N N 103 
TRP N   CA   sing N N 104 
TRP N   H    sing N N 105 
TRP N   H2   sing N N 106 
TRP CA  C    sing N N 107 
TRP CA  CB   sing N N 108 
TRP CA  HA   sing N N 109 
TRP C   O    doub N N 110 
TRP C   OXT  sing N N 111 
TRP CB  CG   sing N N 112 
TRP CB  HB2  sing N N 113 
TRP CB  HB3  sing N N 114 
TRP CG  CD1  doub Y N 115 
TRP CG  CD2  sing Y N 116 
TRP CD1 NE1  sing Y N 117 
TRP CD1 HD1  sing N N 118 
TRP CD2 CE2  doub Y N 119 
TRP CD2 CE3  sing Y N 120 
TRP NE1 CE2  sing Y N 121 
TRP NE1 HE1  sing N N 122 
TRP CE2 CZ2  sing Y N 123 
TRP CE3 CZ3  doub Y N 124 
TRP CE3 HE3  sing N N 125 
TRP CZ2 CH2  doub Y N 126 
TRP CZ2 HZ2  sing N N 127 
TRP CZ3 CH2  sing Y N 128 
TRP CZ3 HZ3  sing N N 129 
TRP CH2 HH2  sing N N 130 
TRP OXT HXT  sing N N 131 
# 
loop_
_pdbx_audit_support.funding_organization 
_pdbx_audit_support.country 
_pdbx_audit_support.grant_number 
_pdbx_audit_support.ordinal 
'Hungarian National Research, Development and Innovation Office' Hungary          2018-1.2.1-NKP-2018-00005 1 
'European Regional Development Fund'                             'European Union' 
'VEKOP-2.3.2-16-2017-00014, VEKOP-2.3.3-15-2017-00018' 2 
'Hungarian National Research, Development and Innovation Office' Hungary          'Thematic Excellence Program Synth+' 3 
# 
_pdbx_initial_refinement_model.id               1 
_pdbx_initial_refinement_model.entity_id_list   ? 
_pdbx_initial_refinement_model.type             'in silico model' 
_pdbx_initial_refinement_model.source_name      Other 
_pdbx_initial_refinement_model.accession_code   ? 
_pdbx_initial_refinement_model.details          'Ideal beta-strands' 
# 
_space_group.name_H-M_alt     'P 1 21 1' 
_space_group.name_Hall        'P 2yb' 
_space_group.IT_number        4 
_space_group.crystal_system   monoclinic 
_space_group.id               1 
# 
_atom_sites.entry_id                    8ONQ 
_atom_sites.Cartn_transf_matrix[1][1]   ? 
_atom_sites.Cartn_transf_matrix[1][2]   ? 
_atom_sites.Cartn_transf_matrix[1][3]   ? 
_atom_sites.Cartn_transf_matrix[2][1]   ? 
_atom_sites.Cartn_transf_matrix[2][2]   ? 
_atom_sites.Cartn_transf_matrix[2][3]   ? 
_atom_sites.Cartn_transf_matrix[3][1]   ? 
_atom_sites.Cartn_transf_matrix[3][2]   ? 
_atom_sites.Cartn_transf_matrix[3][3]   ? 
_atom_sites.Cartn_transf_vector[1]      ? 
_atom_sites.Cartn_transf_vector[2]      ? 
_atom_sites.Cartn_transf_vector[3]      ? 
_atom_sites.fract_transf_matrix[1][1]   -0.08554589 
_atom_sites.fract_transf_matrix[1][2]   -0.01666483 
_atom_sites.fract_transf_matrix[1][3]   -0.05924396 
_atom_sites.fract_transf_matrix[2][1]   -0.00547475 
_atom_sites.fract_transf_matrix[2][2]   0.02275958 
_atom_sites.fract_transf_matrix[2][3]   0.00150324 
_atom_sites.fract_transf_matrix[3][1]   0.04059904 
_atom_sites.fract_transf_matrix[3][2]   0.01495951 
_atom_sites.fract_transf_matrix[3][3]   -0.07863201 
_atom_sites.fract_transf_vector[1]      0.650278 
_atom_sites.fract_transf_vector[2]      -0.078077 
_atom_sites.fract_transf_vector[3]      0.588898 
_atom_sites.solution_primary            ? 
_atom_sites.solution_secondary          ? 
_atom_sites.solution_hydrogens          ? 
_atom_sites.special_details             ? 
# 
loop_
_atom_type.symbol 
_atom_type.scat_dispersion_real 
_atom_type.scat_dispersion_imag 
_atom_type.scat_Cromer_Mann_a1 
_atom_type.scat_Cromer_Mann_a2 
_atom_type.scat_Cromer_Mann_a3 
_atom_type.scat_Cromer_Mann_a4 
_atom_type.scat_Cromer_Mann_b1 
_atom_type.scat_Cromer_Mann_b2 
_atom_type.scat_Cromer_Mann_b3 
_atom_type.scat_Cromer_Mann_b4 
_atom_type.scat_Cromer_Mann_c 
_atom_type.scat_source 
_atom_type.scat_dispersion_source 
C ? ? 3.54356 2.42580 ? ? 25.62398 1.50364 ? ? 0.0 
;2-Gaussian fit: Grosse-Kunstleve RW, Sauter NK, Adams PD: Newsletter of the IUCr Commission on Crystallographic Computing 2004, 3, 22-31.
;
? 
H ? ? 0.51345 0.48472 ? ? 24.73122 6.32584 ? ? 0.0 
;2-Gaussian fit: Grosse-Kunstleve RW, Sauter NK, Adams PD: Newsletter of the IUCr Commission on Crystallographic Computing 2004, 3, 22-31.
;
? 
N ? ? 4.01032 2.96436 ? ? 19.97189 1.75589 ? ? 0.0 
;2-Gaussian fit: Grosse-Kunstleve RW, Sauter NK, Adams PD: Newsletter of the IUCr Commission on Crystallographic Computing 2004, 3, 22-31.
;
? 
O ? ? 4.49882 3.47563 ? ? 15.80542 1.70748 ? ? 0.0 
;2-Gaussian fit: Grosse-Kunstleve RW, Sauter NK, Adams PD: Newsletter of the IUCr Commission on Crystallographic Computing 2004, 3, 22-31.
;
? 
# 
loop_
_atom_site.group_PDB 
_atom_site.id 
_atom_site.type_symbol 
_atom_site.label_atom_id 
_atom_site.label_alt_id 
_atom_site.label_comp_id 
_atom_site.label_asym_id 
_atom_site.label_entity_id 
_atom_site.label_seq_id 
_atom_site.pdbx_PDB_ins_code 
_atom_site.Cartn_x 
_atom_site.Cartn_y 
_atom_site.Cartn_z 
_atom_site.occupancy 
_atom_site.B_iso_or_equiv 
_atom_site.pdbx_formal_charge 
_atom_site.auth_seq_id 
_atom_site.auth_comp_id 
_atom_site.auth_asym_id 
_atom_site.auth_atom_id 
_atom_site.pdbx_PDB_model_num 
HETATM 1   C C    . ACE A 1 1 ? 5.94163  -7.67052  -4.00019 1.000 6.92120  ? 0   ACE A C    1 
HETATM 2   O O    . ACE A 1 1 ? 4.81865  -8.16659  -4.14692 1.000 7.25084  ? 0   ACE A O    1 
HETATM 3   C CH3  . ACE A 1 1 ? 7.14493  -8.05339  -4.82181 1.000 7.68974  ? 0   ACE A CH3  1 
ATOM   4   N N    . GLU A 1 2 ? 6.17793  -6.76229  -3.09248 1.000 6.54942  ? 1   GLU A N    1 
ATOM   5   C CA   . GLU A 1 2 ? 5.11929  -6.25399  -2.22104 1.000 6.49814  ? 1   GLU A CA   1 
ATOM   6   C C    . GLU A 1 2 ? 5.40399  -4.78253  -1.98652 1.000 6.65416  ? 1   GLU A C    1 
ATOM   7   O O    . GLU A 1 2 ? 6.55294  -4.38216  -1.72419 1.000 7.06486  ? 1   GLU A O    1 
ATOM   8   C CB   . GLU A 1 2 ? 5.05150  -7.00231  -0.88470 1.000 6.72346  ? 1   GLU A CB   1 
ATOM   9   C CG   . GLU A 1 2 ? 4.07270  -6.39854  0.11720  1.000 8.04060  ? 1   GLU A CG   1 
ATOM   10  C CD   . GLU A 1 2 ? 4.14908  -7.01666  1.50921  1.000 10.01894 ? 1   GLU A CD   1 
ATOM   11  O OE1  . GLU A 1 2 ? 4.25455  -8.24710  1.62287  1.000 12.04219 ? 1   GLU A OE1  1 
ATOM   12  O OE2  . GLU A 1 2 ? 4.12788  -6.24696  2.50013  1.000 11.19663 ? 1   GLU A OE2  1 
ATOM   13  H H    . GLU A 1 2 ? 6.94922  -6.41033  -2.94816 1.000 7.89650  ? 1   GLU A H    1 
ATOM   14  H HA   . GLU A 1 2 ? 4.25030  -6.38431  -2.63187 1.000 7.83496  ? 1   GLU A HA   1 
ATOM   15  H HB2  . GLU A 1 2 ? 4.77382  -7.91613  -1.05416 1.000 8.10535  ? 1   GLU A HB2  1 
ATOM   16  H HB3  . GLU A 1 2 ? 5.93234  -6.99314  -0.47856 1.000 8.10535  ? 1   GLU A HB3  1 
ATOM   17  H HG2  . GLU A 1 2 ? 4.26173  -5.45118  0.20479  1.000 9.68591  ? 1   GLU A HG2  1 
ATOM   18  H HG3  . GLU A 1 2 ? 3.16989  -6.52753  -0.21326 1.000 9.68591  ? 1   GLU A HG3  1 
ATOM   19  N N    . PHE A 1 3 ? 4.36453  -3.96788  -2.08389 1.000 6.26571  ? 2   PHE A N    1 
ATOM   20  C CA   . PHE A 1 3 ? 4.43460  -2.56659  -1.70118 1.000 6.58491  ? 2   PHE A CA   1 
ATOM   21  C C    . PHE A 1 3 ? 3.18243  -2.21594  -0.91045 1.000 6.51483  ? 2   PHE A C    1 
ATOM   22  O O    . PHE A 1 3 ? 2.07086  -2.57137  -1.30839 1.000 6.29741  ? 2   PHE A O    1 
ATOM   23  C CB   . PHE A 1 3 ? 4.54532  -1.64543  -2.92332 1.000 7.42472  ? 2   PHE A CB   1 
ATOM   24  C CG   . PHE A 1 3 ? 4.54695  -0.17824  -2.57175 1.000 6.73583  ? 2   PHE A CG   1 
ATOM   25  C CD1  . PHE A 1 3 ? 5.71582  0.45042   -2.18054 1.000 7.60396  ? 2   PHE A CD1  1 
ATOM   26  C CD2  . PHE A 1 3 ? 3.37550  0.55939   -2.59879 1.000 7.44666  ? 2   PHE A CD2  1 
ATOM   27  C CE1  . PHE A 1 3 ? 5.71792  1.79034   -1.84432 1.000 8.43524  ? 2   PHE A CE1  1 
ATOM   28  C CE2  . PHE A 1 3 ? 3.37727  1.91521   -2.24927 1.000 8.08199  ? 2   PHE A CE2  1 
ATOM   29  C CZ   . PHE A 1 3 ? 4.54917  2.51767   -1.88478 1.000 7.52222  ? 2   PHE A CZ   1 
ATOM   30  H H    . PHE A 1 3 ? 3.59160  -4.20786  -2.37475 1.000 7.55604  ? 2   PHE A H    1 
ATOM   31  H HA   . PHE A 1 3 ? 5.21638  -2.42655  -1.14430 1.000 7.93909  ? 2   PHE A HA   1 
ATOM   32  H HB2  . PHE A 1 3 ? 5.37391  -1.84061  -3.38833 1.000 8.94685  ? 2   PHE A HB2  1 
ATOM   33  H HB3  . PHE A 1 3 ? 3.78962  -1.80998  -3.50877 1.000 8.94685  ? 2   PHE A HB3  1 
ATOM   34  H HD1  . PHE A 1 3 ? 6.50862  -0.03433  -2.14354 1.000 9.16194  ? 2   PHE A HD1  1 
ATOM   35  H HD2  . PHE A 1 3 ? 2.57954  0.15021   -2.85163 1.000 8.97319  ? 2   PHE A HD2  1 
ATOM   36  H HE1  . PHE A 1 3 ? 6.51161  2.20279   -1.58968 1.000 10.15948 ? 2   PHE A HE1  1 
ATOM   37  H HE2  . PHE A 1 3 ? 2.58573  2.40320   -2.26498 1.000 9.73558  ? 2   PHE A HE2  1 
ATOM   38  H HZ   . PHE A 1 3 ? 4.55712  3.42094   -1.66360 1.000 9.06386  ? 2   PHE A HZ   1 
ATOM   39  N N    . ILE A 1 4 ? 3.36933  -1.51571  0.20652  1.000 6.85802  ? 3   ILE A N    1 
ATOM   40  C CA   . ILE A 1 4 ? 2.28099  -1.03183  1.03631  1.000 6.74149  ? 3   ILE A CA   1 
ATOM   41  C C    . ILE A 1 4 ? 2.50503  0.43742   1.31804  1.000 6.70118  ? 3   ILE A C    1 
ATOM   42  O O    . ILE A 1 4 ? 3.62773  0.86036   1.62918  1.000 6.60826  ? 3   ILE A O    1 
ATOM   43  C CB   . ILE A 1 4 ? 2.19766  -1.82324  2.36732  1.000 7.41628  ? 3   ILE A CB   1 
ATOM   44  C CG1  . ILE A 1 4 ? 2.07982  -3.32383  2.08102  1.000 8.73041  ? 3   ILE A CG1  1 
ATOM   45  C CG2  . ILE A 1 4 ? 1.10856  -1.21764  3.28941  1.000 8.61738  ? 3   ILE A CG2  1 
ATOM   46  C CD1  . ILE A 1 4 ? 0.69921  -3.86342  1.89379  1.000 9.14504  ? 3   ILE A CD1  1 
ATOM   47  H H    . ILE A 1 4 ? 4.14561  -1.30396  0.51005  1.000 8.26682  ? 3   ILE A H    1 
ATOM   48  H HA   . ILE A 1 4 ? 1.44287  -1.12989  0.55792  1.000 8.12698  ? 3   ILE A HA   1 
ATOM   49  H HB   . ILE A 1 4 ? 3.02007  -1.73369  2.87380  1.000 8.93673  ? 3   ILE A HB   1 
ATOM   50  H HG12 . ILE A 1 4 ? 2.57164  -3.51415  1.26689  1.000 10.51369 ? 3   ILE A HG12 1 
ATOM   51  H HG13 . ILE A 1 4 ? 2.47343  -3.80396  2.82631  1.000 10.51369 ? 3   ILE A HG13 1 
ATOM   52  H HG21 . ILE A 1 4 ? 0.48648  -1.91673  3.54471  1.000 10.37805 ? 3   ILE A HG21 1 
ATOM   53  H HG22 . ILE A 1 4 ? 1.53330  -0.84815  4.07933  1.000 10.37805 ? 3   ILE A HG22 1 
ATOM   54  H HG23 . ILE A 1 4 ? 0.64032  -0.51792  2.80770  1.000 10.37805 ? 3   ILE A HG23 1 
ATOM   55  H HD11 . ILE A 1 4 ? 0.74860  -4.82580  1.78302  1.000 11.01124 ? 3   ILE A HD11 1 
ATOM   56  H HD12 . ILE A 1 4 ? 0.16699  -3.64731  2.67542  1.000 11.01124 ? 3   ILE A HD12 1 
ATOM   57  H HD13 . ILE A 1 4 ? 0.30658  -3.45930  1.10421  1.000 11.01124 ? 3   ILE A HD13 1 
ATOM   58  N N    . ALA A 1 5 ? 1.44557  1.21793   1.22990  1.000 6.71115  ? 4   ALA A N    1 
ATOM   59  C CA   . ALA A 1 5 ? 1.45357  2.58560   1.70506  1.000 6.76787  ? 4   ALA A CA   1 
ATOM   60  C C    . ALA A 1 5 ? 0.21601  2.85545   2.54212  1.000 7.00278  ? 4   ALA A C    1 
ATOM   61  O O    . ALA A 1 5 ? -0.88490 2.39838   2.21518  1.000 6.62314  ? 4   ALA A O    1 
ATOM   62  C CB   . ALA A 1 5 ? 1.49441  3.58456   0.54287  1.000 8.13086  ? 4   ALA A CB   1 
ATOM   63  H H    . ALA A 1 5 ? 0.69415  0.97232   0.89133  1.000 8.09057  ? 4   ALA A H    1 
ATOM   64  H HA   . ALA A 1 5 ? 2.23768  2.71584   2.26104  1.000 8.15864  ? 4   ALA A HA   1 
ATOM   65  H HB1  . ALA A 1 5 ? 2.33141  3.47822   0.06432  1.000 9.79422  ? 4   ALA A HB1  1 
ATOM   66  H HB2  . ALA A 1 5 ? 0.74866  3.40791   -0.05173 1.000 9.79422  ? 4   ALA A HB2  1 
ATOM   67  H HB3  . ALA A 1 5 ? 1.42838  4.48486   0.89783  1.000 9.79422  ? 4   ALA A HB3  1 
ATOM   68  N N    . TRP A 1 6 ? 0.39382  3.61965   3.59943  1.000 5.56265  ? 5   TRP A N    1 
ATOM   69  C CA   . TRP A 1 6 ? -0.70611 4.14783   4.39199  1.000 5.94991  ? 5   TRP A CA   1 
ATOM   70  C C    . TRP A 1 6 ? -0.41081 5.61811   4.63220  1.000 7.30019  ? 5   TRP A C    1 
ATOM   71  O O    . TRP A 1 6 ? 0.68656  5.96735   5.09199  1.000 6.76974  ? 5   TRP A O    1 
ATOM   72  C CB   . TRP A 1 6 ? -0.84749 3.43097   5.74826  1.000 7.77682  ? 5   TRP A CB   1 
ATOM   73  C CG   . TRP A 1 6 ? -1.81610 4.16158   6.61939  1.000 7.50735  ? 5   TRP A CG   1 
ATOM   74  C CD1  . TRP A 1 6 ? -1.52634 5.09546   7.57892  1.000 9.28741  ? 5   TRP A CD1  1 
ATOM   75  C CD2  . TRP A 1 6 ? -3.23746 4.06787   6.55660  1.000 8.23782  ? 5   TRP A CD2  1 
ATOM   76  N NE1  . TRP A 1 6 ? -2.69449 5.58051   8.11591  1.000 9.90943  ? 5   TRP A NE1  1 
ATOM   77  C CE2  . TRP A 1 6 ? -3.76058 4.96319   7.51585  1.000 8.60553  ? 5   TRP A CE2  1 
ATOM   78  C CE3  . TRP A 1 6 ? -4.12382 3.31334   5.78439  1.000 8.38984  ? 5   TRP A CE3  1 
ATOM   79  C CZ2  . TRP A 1 6 ? -5.13557 5.11989   7.71729  1.000 10.12073 ? 5   TRP A CZ2  1 
ATOM   80  C CZ3  . TRP A 1 6 ? -5.48366 3.47181   5.98293  1.000 9.47782  ? 5   TRP A CZ3  1 
ATOM   81  C CH2  . TRP A 1 6 ? -5.97706 4.36548   6.95334  1.000 9.88931  ? 5   TRP A CH2  1 
ATOM   82  H H    . TRP A 1 6 ? 1.16727  3.85678   3.89124  1.000 6.71237  ? 5   TRP A H    1 
ATOM   83  H HA   . TRP A 1 6 ? -1.54203 4.03507   3.91299  1.000 7.17709  ? 5   TRP A HA   1 
ATOM   84  H HB2  . TRP A 1 6 ? -1.17524 2.52899   5.60716  1.000 9.36937  ? 5   TRP A HB2  1 
ATOM   85  H HB3  . TRP A 1 6 ? 0.01355  3.40513   6.19416  1.000 9.36937  ? 5   TRP A HB3  1 
ATOM   86  H HD1  . TRP A 1 6 ? -0.67055 5.36043   7.82851  1.000 11.18208 ? 5   TRP A HD1  1 
ATOM   87  H HE1  . TRP A 1 6 ? -2.74811 6.17801   8.73213  1.000 11.92851 ? 5   TRP A HE1  1 
ATOM   88  H HE3  . TRP A 1 6 ? -3.80527 2.71484   5.14782  1.000 10.10499 ? 5   TRP A HE3  1 
ATOM   89  H HZ2  . TRP A 1 6 ? -5.46459 5.71720   8.34964  1.000 12.18207 ? 5   TRP A HZ2  1 
ATOM   90  H HZ3  . TRP A 1 6 ? -6.08165 2.98037   5.46739  1.000 11.41058 ? 5   TRP A HZ3  1 
ATOM   91  H HH2  . TRP A 1 6 ? -6.89570 4.44286   7.07581  1.000 11.90436 ? 5   TRP A HH2  1 
ATOM   92  N N    . LEU A 1 7 ? -1.37696 6.47722   4.33859  1.000 7.38227  ? 6   LEU A N    1 
ATOM   93  C CA   . LEU A 1 7 ? -1.22379 7.90305   4.57231  1.000 7.81153  ? 6   LEU A CA   1 
ATOM   94  C C    . LEU A 1 7 ? -2.38430 8.43301   5.38817  1.000 8.54289  ? 6   LEU A C    1 
ATOM   95  O O    . LEU A 1 7 ? -3.52446 7.95609   5.26045  1.000 7.34102  ? 6   LEU A O    1 
ATOM   96  C CB   . LEU A 1 7 ? -1.19152 8.65618   3.24597  1.000 9.40671  ? 6   LEU A CB   1 
ATOM   97  C CG   . LEU A 1 7 ? 0.19789  8.90457   2.68142  1.000 10.73912 ? 6   LEU A CG   1 
ATOM   98  C CD1  . LEU A 1 7 ? 0.76921  7.62800   2.14181  1.000 12.60004 ? 6   LEU A CD1  1 
ATOM   99  C CD2  . LEU A 1 7 ? 0.14419  9.95353   1.59241  1.000 10.78181 ? 6   LEU A CD2  1 
ATOM   100 O OXT  . LEU A 1 7 ? -2.19907 9.38928   6.14778  1.000 8.12233  ? 6   LEU A OXT  1 
ATOM   101 H H    . LEU A 1 7 ? -2.13631 6.25663   4.00048  1.000 8.89591  ? 6   LEU A H    1 
ATOM   102 H HA   . LEU A 1 7 ? -0.39271 8.05536   5.04876  1.000 9.41103  ? 6   LEU A HA   1 
ATOM   103 H HB2  . LEU A 1 7 ? -1.68514 8.14074   2.58903  1.000 11.32524 ? 6   LEU A HB2  1 
ATOM   104 H HB3  . LEU A 1 7 ? -1.61276 9.52047   3.37423  1.000 11.32524 ? 6   LEU A HB3  1 
ATOM   105 H HG   . LEU A 1 7 ? 0.77749  9.22898   3.38834  1.000 12.92413 ? 6   LEU A HG   1 
ATOM   106 H HD11 . LEU A 1 7 ? 1.54962  7.83386   1.60379  1.000 15.15724 ? 6   LEU A HD11 1 
ATOM   107 H HD12 . LEU A 1 7 ? 1.02049  7.05598   2.88379  1.000 15.15724 ? 6   LEU A HD12 1 
ATOM   108 H HD13 . LEU A 1 7 ? 0.09858  7.18739   1.59681  1.000 15.15724 ? 6   LEU A HD13 1 
ATOM   109 H HD21 . LEU A 1 7 ? -0.47654 10.65078  1.85588  1.000 12.97536 ? 6   LEU A HD21 1 
ATOM   110 H HD22 . LEU A 1 7 ? 1.03058  10.32834  1.47099  1.000 12.97536 ? 6   LEU A HD22 1 
ATOM   111 H HD23 . LEU A 1 7 ? -0.15507 9.53829   0.76845  1.000 12.97536 ? 6   LEU A HD23 1 
HETATM 112 C C    . ACE B 1 1 ? -6.82623 6.97987   4.05982  1.000 8.99080  ? 0   ACE B C    1 
HETATM 113 O O    . ACE B 1 1 ? -7.87064 6.66434   3.45254  1.000 8.75068  ? 0   ACE B O    1 
HETATM 114 C CH3  . ACE B 1 1 ? -6.83260 7.63890   5.40857  1.000 8.47010  ? 0   ACE B CH3  1 
ATOM   115 N N    . GLU B 1 2 ? -5.62777 6.75745   3.55261  1.000 7.22046  ? 1   GLU B N    1 
ATOM   116 C CA   . GLU B 1 2 ? -5.45631 6.12079   2.25042  1.000 7.41561  ? 1   GLU B CA   1 
ATOM   117 C C    . GLU B 1 2 ? -4.56678 4.89931   2.40428  1.000 7.44756  ? 1   GLU B C    1 
ATOM   118 O O    . GLU B 1 2 ? -3.50056 4.98546   3.00638  1.000 7.21336  ? 1   GLU B O    1 
ATOM   119 C CB   . GLU B 1 2 ? -4.81149 7.06518   1.24835  1.000 7.92538  ? 1   GLU B CB   1 
ATOM   120 C CG   . GLU B 1 2 ? -4.45320 6.37942   -0.06425 1.000 9.51304  ? 1   GLU B CG   1 
ATOM   121 C CD   . GLU B 1 2 ? -4.18812 7.36399   -1.17642 1.000 11.16103 ? 1   GLU B CD   1 
ATOM   122 O OE1  . GLU B 1 2 ? -4.34360 8.57379   -0.92649 1.000 13.01787 ? 1   GLU B OE1  1 
ATOM   123 O OE2  . GLU B 1 2 ? -3.87950 6.92787   -2.31090 1.000 11.56370 ? 1   GLU B OE2  1 
ATOM   124 H H    . GLU B 1 2 ? -4.88963 6.96555   3.94176  1.000 8.70175  ? 1   GLU B H    1 
ATOM   125 H HA   . GLU B 1 2 ? -6.32709 5.86958   1.90468  1.000 8.93592  ? 1   GLU B HA   1 
ATOM   126 H HB2  . GLU B 1 2 ? -5.42985 7.78607   1.05128  1.000 9.54765  ? 1   GLU B HB2  1 
ATOM   127 H HB3  . GLU B 1 2 ? -3.99584 7.42335   1.63221  1.000 9.54765  ? 1   GLU B HB3  1 
ATOM   128 H HG2  . GLU B 1 2 ? -3.65227 5.84751   0.06418  1.000 11.45284 ? 1   GLU B HG2  1 
ATOM   129 H HG3  . GLU B 1 2 ? -5.18982 5.80970   -0.33576 1.000 11.45284 ? 1   GLU B HG3  1 
ATOM   130 N N    . PHE B 1 3 ? -5.02209 3.76376   1.86634  1.000 6.89185  ? 2   PHE B N    1 
ATOM   131 C CA   . PHE B 1 3 ? -4.28241 2.51093   1.90649  1.000 6.65329  ? 2   PHE B CA   1 
ATOM   132 C C    . PHE B 1 3 ? -4.04996 2.03285   0.48135  1.000 6.85221  ? 2   PHE B C    1 
ATOM   133 O O    . PHE B 1 3 ? -4.96880 2.05428   -0.33779 1.000 6.56931  ? 2   PHE B O    1 
ATOM   134 C CB   . PHE B 1 3 ? -5.08057 1.45686   2.64803  1.000 6.91224  ? 2   PHE B CB   1 
ATOM   135 C CG   . PHE B 1 3 ? -4.46156 0.09013   2.60581  1.000 6.78737  ? 2   PHE B CG   1 
ATOM   136 C CD1  . PHE B 1 3 ? -3.33392 -0.18181  3.35576  1.000 7.29727  ? 2   PHE B CD1  1 
ATOM   137 C CD2  . PHE B 1 3 ? -4.96989 -0.90700  1.80459  1.000 6.77155  ? 2   PHE B CD2  1 
ATOM   138 C CE1  . PHE B 1 3 ? -2.75126 -1.41890  3.33269  1.000 7.64659  ? 2   PHE B CE1  1 
ATOM   139 C CE2  . PHE B 1 3 ? -4.37549 -2.15529  1.76690  1.000 6.80675  ? 2   PHE B CE2  1 
ATOM   140 C CZ   . PHE B 1 3 ? -3.26286 -2.41120  2.53763  1.000 7.35819  ? 2   PHE B CZ   1 
ATOM   141 H H    . PHE B 1 3 ? -5.77868 3.69836   1.46273  1.000 8.30741  ? 2   PHE B H    1 
ATOM   142 H HA   . PHE B 1 3 ? -3.42763 2.63841   2.34693  1.000 8.02114  ? 2   PHE B HA   1 
ATOM   143 H HB2  . PHE B 1 3 ? -5.15537 1.71955   3.57878  1.000 8.33188  ? 2   PHE B HB2  1 
ATOM   144 H HB3  . PHE B 1 3 ? -5.96246 1.39507   2.24884  1.000 8.33188  ? 2   PHE B HB3  1 
ATOM   145 H HD1  . PHE B 1 3 ? -2.96466 0.48762   3.88531  1.000 8.79392  ? 2   PHE B HD1  1 
ATOM   146 H HD2  . PHE B 1 3 ? -5.72129 -0.73950  1.28283  1.000 8.16305  ? 2   PHE B HD2  1 
ATOM   147 H HE1  . PHE B 1 3 ? -2.00368 -1.58778  3.85949  1.000 9.21310  ? 2   PHE B HE1  1 
ATOM   148 H HE2  . PHE B 1 3 ? -4.72685 -2.82157  1.22144  1.000 8.20529  ? 2   PHE B HE2  1 
ATOM   149 H HZ   . PHE B 1 3 ? -2.86218 -3.25024  2.51866  1.000 8.86702  ? 2   PHE B HZ   1 
ATOM   150 N N    . ILE B 1 4 ? -2.82767 1.59550   0.19360  1.000 6.77703  ? 3   ILE B N    1 
ATOM   151 C CA   . ILE B 1 4 ? -2.45037 1.00258   -1.08731 1.000 6.48688  ? 3   ILE B CA   1 
ATOM   152 C C    . ILE B 1 4 ? -1.67611 -0.27953  -0.82517 1.000 7.31781  ? 3   ILE B C    1 
ATOM   153 O O    . ILE B 1 4 ? -0.72941 -0.28770  -0.03087 1.000 6.75585  ? 3   ILE B O    1 
ATOM   154 C CB   . ILE B 1 4 ? -1.58337 1.97971   -1.91499 1.000 8.03687  ? 3   ILE B CB   1 
ATOM   155 C CG1  . ILE B 1 4 ? -2.32157 3.28604   -2.17400 1.000 9.05087  ? 3   ILE B CG1  1 
ATOM   156 C CG2  . ILE B 1 4 ? -1.12297 1.34701   -3.23144 1.000 9.46171  ? 3   ILE B CG2  1 
ATOM   157 C CD1  . ILE B 1 4 ? -3.51174 3.16584   -3.05471 1.000 10.33268 ? 3   ILE B CD1  1 
ATOM   158 H H    . ILE B 1 4 ? -2.17120 1.63291   0.74791  1.000 8.16963  ? 3   ILE B H    1 
ATOM   159 H HA   . ILE B 1 4 ? -3.25150 0.77760   -1.58579 1.000 7.82145  ? 3   ILE B HA   1 
ATOM   160 H HB   . ILE B 1 4 ? -0.79392 2.17737   -1.38716 1.000 9.68143  ? 3   ILE B HB   1 
ATOM   161 H HG12 . ILE B 1 4 ? -2.62290 3.64301   -1.32390 1.000 10.89823 ? 3   ILE B HG12 1 
ATOM   162 H HG13 . ILE B 1 4 ? -1.70817 3.90767   -2.59615 1.000 10.89823 ? 3   ILE B HG13 1 
ATOM   163 H HG21 . ILE B 1 4 ? -0.73228 2.03487   -3.79279 1.000 11.39124 ? 3   ILE B HG21 1 
ATOM   164 H HG22 . ILE B 1 4 ? -0.46299 0.66267   -3.03910 1.000 11.39124 ? 3   ILE B HG22 1 
ATOM   165 H HG23 . ILE B 1 4 ? -1.88883 0.95208   -3.67685 1.000 11.39124 ? 3   ILE B HG23 1 
ATOM   166 H HD11 . ILE B 1 4 ? -4.10752 3.91206   -2.88409 1.000 12.43641 ? 3   ILE B HD11 1 
ATOM   167 H HD12 . ILE B 1 4 ? -3.22220 3.17868   -3.98040 1.000 12.43641 ? 3   ILE B HD12 1 
ATOM   168 H HD13 . ILE B 1 4 ? -3.96459 2.33011   -2.86134 1.000 12.43641 ? 3   ILE B HD13 1 
ATOM   169 N N    . ALA B 1 5 ? -2.05164 -1.35732  -1.50263 1.000 6.89484  ? 4   ALA B N    1 
ATOM   170 C CA   . ALA B 1 5 ? -1.28093 -2.58190  -1.49730 1.000 6.56855  ? 4   ALA B CA   1 
ATOM   171 C C    . ALA B 1 5 ? -1.09750 -3.07631  -2.92829 1.000 7.13120  ? 4   ALA B C    1 
ATOM   172 O O    . ALA B 1 5 ? -2.04014 -3.08075  -3.72353 1.000 6.71251  ? 4   ALA B O    1 
ATOM   173 C CB   . ALA B 1 5 ? -1.96795 -3.68987  -0.68719 1.000 7.28502  ? 4   ALA B CB   1 
ATOM   174 H H    . ALA B 1 5 ? -2.76492 -1.39934  -1.98125 1.000 8.31100  ? 4   ALA B H    1 
ATOM   175 H HA   . ALA B 1 5 ? -0.41351 -2.39820  -1.10392 1.000 7.91945  ? 4   ALA B HA   1 
ATOM   176 H HB1  . ALA B 1 5 ? -1.41587 -4.48707  -0.71097 1.000 8.77922  ? 4   ALA B HB1  1 
ATOM   177 H HB2  . ALA B 1 5 ? -2.07677 -3.39008  0.22889  1.000 8.77922  ? 4   ALA B HB2  1 
ATOM   178 H HB3  . ALA B 1 5 ? -2.83529 -3.87635  -1.07943 1.000 8.77922  ? 4   ALA B HB3  1 
ATOM   179 N N    . TRP B 1 6 ? 0.11933  -3.49439  -3.23807 1.000 6.89970  ? 5   TRP B N    1 
ATOM   180 C CA   . TRP B 1 6 ? 0.42348  -4.13381  -4.50996 1.000 6.35093  ? 5   TRP B CA   1 
ATOM   181 C C    . TRP B 1 6 ? 1.25715  -5.37781  -4.23835 1.000 7.19824  ? 5   TRP B C    1 
ATOM   182 O O    . TRP B 1 6 ? 2.23280  -5.32528  -3.47822 1.000 6.97685  ? 5   TRP B O    1 
ATOM   183 C CB   . TRP B 1 6 ? 1.19607  -3.17647  -5.42505 1.000 6.23920  ? 5   TRP B CB   1 
ATOM   184 C CG   . TRP B 1 6 ? 1.77811  -3.87978  -6.63030 1.000 7.36068  ? 5   TRP B CG   1 
ATOM   185 C CD1  . TRP B 1 6 ? 1.13194  -4.21634  -7.79143 1.000 8.50340  ? 5   TRP B CD1  1 
ATOM   186 C CD2  . TRP B 1 6 ? 3.11989  -4.39432  -6.74794 1.000 7.49564  ? 5   TRP B CD2  1 
ATOM   187 N NE1  . TRP B 1 6 ? 2.00456  -4.88211  -8.63372 1.000 8.52211  ? 5   TRP B NE1  1 
ATOM   188 C CE2  . TRP B 1 6 ? 3.22265  -4.99468  -8.01643 1.000 8.00375  ? 5   TRP B CE2  1 
ATOM   189 C CE3  . TRP B 1 6 ? 4.24377  -4.38315  -5.90700 1.000 7.48432  ? 5   TRP B CE3  1 
ATOM   190 C CZ2  . TRP B 1 6 ? 4.40983  -5.59025  -8.45663 1.000 8.16023  ? 5   TRP B CZ2  1 
ATOM   191 C CZ3  . TRP B 1 6 ? 5.41542  -4.97015  -6.34709 1.000 7.32623  ? 5   TRP B CZ3  1 
ATOM   192 C CH2  . TRP B 1 6 ? 5.49693  -5.55688  -7.62314 1.000 7.97752  ? 5   TRP B CH2  1 
ATOM   193 H H    . TRP B 1 6 ? 0.80004  -3.41780  -2.71810 1.000 8.31684  ? 5   TRP B H    1 
ATOM   194 H HA   . TRP B 1 6 ? -0.39620 -4.39789  -4.95638 1.000 7.65831  ? 5   TRP B HA   1 
ATOM   195 H HB2  . TRP B 1 6 ? 0.59457  -2.48395  -5.74052 1.000 7.52423  ? 5   TRP B HB2  1 
ATOM   196 H HB3  . TRP B 1 6 ? 1.92624  -2.77922  -4.92512 1.000 7.52423  ? 5   TRP B HB3  1 
ATOM   197 H HD1  . TRP B 1 6 ? 0.24217  -4.02607  -7.98380 1.000 10.24127 ? 5   TRP B HD1  1 
ATOM   198 H HE1  . TRP B 1 6 ? 1.81325  -5.17768  -9.41834 1.000 10.26373 ? 5   TRP B HE1  1 
ATOM   199 H HE3  . TRP B 1 6 ? 4.20080  -3.98695  -5.06672 1.000 9.01838  ? 5   TRP B HE3  1 
ATOM   200 H HZ2  . TRP B 1 6 ? 4.45967  -5.99726  -9.29135 1.000 9.82947  ? 5   TRP B HZ2  1 
ATOM   201 H HZ3  . TRP B 1 6 ? 6.16099  -4.97730  -5.79125 1.000 8.82867  ? 5   TRP B HZ3  1 
ATOM   202 H HH2  . TRP B 1 6 ? 6.30153  -5.92806  -7.90551 1.000 9.61021  ? 5   TRP B HH2  1 
ATOM   203 N N    . LEU B 1 7 ? 0.87647  -6.49042  -4.86431 1.000 6.94274  ? 6   LEU B N    1 
ATOM   204 C CA   . LEU B 1 7 ? 1.68800  -7.70266  -4.84579 1.000 6.77569  ? 6   LEU B CA   1 
ATOM   205 C C    . LEU B 1 7 ? 2.13539  -8.07782  -6.24609 1.000 7.89780  ? 6   LEU B C    1 
ATOM   206 O O    . LEU B 1 7 ? 1.34652  -8.01356  -7.18591 1.000 8.39013  ? 6   LEU B O    1 
ATOM   207 C CB   . LEU B 1 7 ? 0.91293  -8.87093  -4.26145 1.000 6.77626  ? 6   LEU B CB   1 
ATOM   208 C CG   . LEU B 1 7 ? 0.36282  -8.68323  -2.85072 1.000 8.24690  ? 6   LEU B CG   1 
ATOM   209 C CD1  . LEU B 1 7 ? -0.35145 -9.93584  -2.38386 1.000 8.72487  ? 6   LEU B CD1  1 
ATOM   210 C CD2  . LEU B 1 7 ? 1.44572  -8.32880  -1.89217 1.000 8.73725  ? 6   LEU B CD2  1 
ATOM   211 O OXT  . LEU B 1 7 ? 3.29616  -8.49944  -6.42075 1.000 8.71735  ? 6   LEU B OXT  1 
ATOM   212 H H    . LEU B 1 7 ? 0.14537  -6.56810  -5.31048 1.000 8.36848  ? 6   LEU B H    1 
ATOM   213 H HA   . LEU B 1 7 ? 2.46619  -7.53478  -4.29158 1.000 8.16802  ? 6   LEU B HA   1 
ATOM   214 H HB2  . LEU B 1 7 ? 0.15622  -9.04991  -4.84133 1.000 8.16870  ? 6   LEU B HB2  1 
ATOM   215 H HB3  . LEU B 1 7 ? 1.50223  -9.64104  -4.23780 1.000 8.16870  ? 6   LEU B HB3  1 
ATOM   216 H HG   . LEU B 1 7 ? -0.27383 -7.95164  -2.86896 1.000 9.93348  ? 6   LEU B HG   1 
ATOM   217 H HD11 . LEU B 1 7 ? -1.19387 -10.01439 -2.85826 1.000 10.50704 ? 6   LEU B HD11 1 
ATOM   218 H HD12 . LEU B 1 7 ? 0.20701  -10.70639 -2.57164 1.000 10.50704 ? 6   LEU B HD12 1 
ATOM   219 H HD13 . LEU B 1 7 ? -0.51397 -9.86971  -1.42986 1.000 10.50704 ? 6   LEU B HD13 1 
ATOM   220 H HD21 . LEU B 1 7 ? 1.08158  -8.32088  -0.99316 1.000 10.52189 ? 6   LEU B HD21 1 
ATOM   221 H HD22 . LEU B 1 7 ? 2.15322  -8.98924  -1.95668 1.000 10.52189 ? 6   LEU B HD22 1 
ATOM   222 H HD23 . LEU B 1 7 ? 1.79138  -7.45075  -2.11678 1.000 10.52189 ? 6   LEU B HD23 1 
HETATM 223 O O    . HOH C 2 . ? 4.49802  -9.22577  3.97604  1.000 8.92614  ? 101 HOH A O    1 
HETATM 224 O O    . HOH D 2 . ? -4.13076 8.58267   -4.33899 1.000 8.87444  ? 101 HOH B O    1 
# 
